data_6AMJ
#
_entry.id   6AMJ
#
_cell.length_a   55.950
_cell.length_b   83.350
_cell.length_c   104.910
_cell.angle_alpha   90.000
_cell.angle_beta   104.770
_cell.angle_gamma   90.000
#
_symmetry.space_group_name_H-M   'P 1 21 1'
#
loop_
_entity.id
_entity.type
_entity.pdbx_description
1 polymer 'CAT192 Fab light chain'
2 polymer 'CAT192 Fab heavy chain'
3 non-polymer DI(HYDROXYETHYL)ETHER
4 non-polymer 'SODIUM ION'
5 water water
#
loop_
_entity_poly.entity_id
_entity_poly.type
_entity_poly.pdbx_seq_one_letter_code
_entity_poly.pdbx_strand_id
1 'polypeptide(L)'
;EIVLTQSPSSLSASVGDRVTITCRASQGIGDDLGWYQQKPGKAPILLIYGTSTLQSGVPSRFSGSGSGTDFTLTINSLQP
EDFATYYCLQDSNYPLTFGGGTRLEIKRTVAAPSVFIFPPSDEQLKSGTASVVCLLNNFYPREAKVQWKVDNALQSGNSQ
ESVTEQDSKDSTYSLSSTLTLSKADYEKHKVYACEVTHQGLSSPVTKSFNRGEC
;
L,A
2 'polypeptide(L)'
;EVQLVESGGGVVQPGRSLRLSCAASGFTFSSYGMHWVRQAPGKELEWVAVISYDGSIKYYADSVKGRFTISRDNSKNTLY
LQMNSLRAEDTAVYYCARTGEYSGYDTDPQYSWGQGTTVTVSSASTKGPSVFPLAPCSRSTSESTAALGCLVKDYFPEPV
TVSWNSGALTSGVHTFPAVLQSSGLYSLSSVVTVPSSSLGTKTYTCNVDHKPSNTKVDKRVHHHHHH
;
H,B
#
loop_
_chem_comp.id
_chem_comp.type
_chem_comp.name
_chem_comp.formula
NA non-polymer 'SODIUM ION' 'Na 1'
PEG non-polymer DI(HYDROXYETHYL)ETHER 'C4 H10 O3'
#
# COMPACT_ATOMS: atom_id res chain seq x y z
N GLU A 1 -23.76 4.34 16.45
CA GLU A 1 -23.35 5.73 16.61
C GLU A 1 -23.47 6.49 15.30
N ILE A 2 -23.41 7.82 15.37
CA ILE A 2 -23.47 8.66 14.18
C ILE A 2 -22.07 8.78 13.60
N VAL A 3 -21.88 8.27 12.39
CA VAL A 3 -20.57 8.25 11.75
C VAL A 3 -20.39 9.49 10.90
N LEU A 4 -19.29 10.19 11.10
CA LEU A 4 -18.95 11.38 10.34
C LEU A 4 -17.91 11.01 9.28
N THR A 5 -18.20 11.31 8.03
CA THR A 5 -17.31 11.03 6.91
C THR A 5 -16.70 12.35 6.44
N GLN A 6 -15.42 12.55 6.74
CA GLN A 6 -14.72 13.78 6.41
C GLN A 6 -13.91 13.58 5.13
N SER A 7 -13.90 14.61 4.29
CA SER A 7 -13.18 14.55 3.02
C SER A 7 -12.57 15.91 2.72
N PRO A 8 -11.35 15.95 2.15
CA PRO A 8 -10.51 14.77 1.94
C PRO A 8 -9.60 14.51 3.14
N SER A 9 -8.94 13.34 3.18
CA SER A 9 -8.07 13.04 4.31
C SER A 9 -6.81 13.91 4.31
N SER A 10 -6.38 14.38 3.14
CA SER A 10 -5.31 15.36 3.06
C SER A 10 -5.63 16.35 1.94
N LEU A 11 -5.02 17.52 2.02
CA LEU A 11 -5.29 18.58 1.06
C LEU A 11 -4.03 19.43 0.87
N SER A 12 -3.78 19.84 -0.36
CA SER A 12 -2.64 20.68 -0.71
C SER A 12 -3.13 22.07 -1.09
N ALA A 13 -2.55 23.09 -0.45
CA ALA A 13 -2.95 24.45 -0.72
C ALA A 13 -1.75 25.37 -0.57
N SER A 14 -1.93 26.63 -0.97
CA SER A 14 -0.91 27.65 -0.85
C SER A 14 -1.45 28.81 -0.03
N VAL A 15 -0.53 29.63 0.50
CA VAL A 15 -0.93 30.80 1.25
C VAL A 15 -1.80 31.71 0.38
N GLY A 16 -2.86 32.24 0.96
CA GLY A 16 -3.82 33.04 0.22
C GLY A 16 -4.90 32.25 -0.49
N ASP A 17 -4.76 30.93 -0.58
CA ASP A 17 -5.77 30.11 -1.23
C ASP A 17 -7.03 30.05 -0.37
N ARG A 18 -8.09 29.51 -0.98
CA ARG A 18 -9.34 29.23 -0.31
C ARG A 18 -9.53 27.72 -0.23
N VAL A 19 -9.85 27.22 0.96
CA VAL A 19 -9.91 25.79 1.22
C VAL A 19 -11.31 25.42 1.66
N THR A 20 -11.76 24.24 1.24
CA THR A 20 -13.06 23.70 1.61
C THR A 20 -12.88 22.26 2.09
N ILE A 21 -13.43 21.95 3.27
CA ILE A 21 -13.32 20.63 3.87
C ILE A 21 -14.71 20.13 4.21
N THR A 22 -15.01 18.90 3.80
CA THR A 22 -16.36 18.36 3.84
C THR A 22 -16.51 17.32 4.94
N CYS A 23 -17.73 17.22 5.46
CA CYS A 23 -18.02 16.26 6.52
C CYS A 23 -19.51 15.94 6.47
N ARG A 24 -19.83 14.64 6.36
CA ARG A 24 -21.20 14.17 6.22
C ARG A 24 -21.54 13.23 7.36
N ALA A 25 -22.71 13.44 7.97
CA ALA A 25 -23.19 12.57 9.04
C ALA A 25 -24.03 11.44 8.47
N SER A 26 -23.90 10.26 9.05
CA SER A 26 -24.71 9.12 8.65
C SER A 26 -26.18 9.29 8.96
N GLN A 27 -26.53 10.27 9.79
CA GLN A 27 -27.93 10.59 10.07
C GLN A 27 -28.00 12.05 10.50
N GLY A 28 -29.22 12.58 10.46
CA GLY A 28 -29.45 13.96 10.81
C GLY A 28 -28.92 14.33 12.18
N ILE A 29 -28.17 15.44 12.25
CA ILE A 29 -27.60 15.91 13.50
C ILE A 29 -27.91 17.39 13.68
N GLY A 30 -28.89 17.88 12.91
CA GLY A 30 -29.25 19.29 13.02
C GLY A 30 -28.07 20.18 12.74
N ASP A 31 -27.82 21.14 13.63
CA ASP A 31 -26.68 22.05 13.51
C ASP A 31 -25.65 21.83 14.62
N ASP A 32 -25.64 20.65 15.25
CA ASP A 32 -24.75 20.36 16.36
C ASP A 32 -23.45 19.73 15.86
N LEU A 33 -22.75 20.49 15.01
CA LEU A 33 -21.47 20.05 14.47
C LEU A 33 -20.47 21.19 14.60
N GLY A 34 -19.27 20.87 15.04
CA GLY A 34 -18.20 21.83 15.17
C GLY A 34 -16.98 21.41 14.36
N TRP A 35 -15.98 22.29 14.36
CA TRP A 35 -14.72 22.04 13.68
C TRP A 35 -13.56 22.28 14.63
N TYR A 36 -12.59 21.38 14.60
CA TYR A 36 -11.41 21.45 15.46
C TYR A 36 -10.15 21.57 14.61
N GLN A 37 -9.19 22.32 15.12
CA GLN A 37 -7.86 22.43 14.53
C GLN A 37 -6.84 21.82 15.48
N GLN A 38 -5.89 21.09 14.93
CA GLN A 38 -4.85 20.48 15.75
C GLN A 38 -3.54 20.44 14.98
N LYS A 39 -2.45 20.67 15.69
CA LYS A 39 -1.10 20.60 15.16
C LYS A 39 -0.33 19.56 15.95
N PRO A 40 0.77 19.04 15.40
CA PRO A 40 1.52 17.98 16.07
C PRO A 40 1.91 18.38 17.48
N GLY A 41 1.64 17.49 18.43
CA GLY A 41 2.01 17.73 19.81
C GLY A 41 1.18 18.76 20.54
N LYS A 42 0.10 19.25 19.94
CA LYS A 42 -0.74 20.28 20.53
C LYS A 42 -2.14 19.73 20.77
N ALA A 43 -2.84 20.34 21.72
CA ALA A 43 -4.22 19.99 21.99
C ALA A 43 -5.15 20.61 20.96
N PRO A 44 -6.24 19.92 20.61
CA PRO A 44 -7.20 20.49 19.66
C PRO A 44 -7.76 21.81 20.15
N ILE A 45 -8.05 22.70 19.19
CA ILE A 45 -8.66 24.00 19.48
C ILE A 45 -9.93 24.09 18.67
N LEU A 46 -11.04 24.43 19.33
CA LEU A 46 -12.32 24.57 18.67
C LEU A 46 -12.33 25.89 17.88
N LEU A 47 -12.57 25.79 16.57
CA LEU A 47 -12.67 26.96 15.70
C LEU A 47 -14.10 27.38 15.44
N ILE A 48 -14.98 26.43 15.16
CA ILE A 48 -16.37 26.71 14.84
C ILE A 48 -17.24 25.69 15.55
N TYR A 49 -18.37 26.16 16.10
CA TYR A 49 -19.38 25.28 16.65
C TYR A 49 -20.76 25.80 16.24
N GLY A 50 -21.76 24.93 16.34
CA GLY A 50 -23.08 25.28 15.88
C GLY A 50 -23.16 25.41 14.37
N THR A 51 -22.39 24.60 13.64
CA THR A 51 -22.35 24.66 12.18
C THR A 51 -21.57 25.89 11.72
N SER A 52 -22.03 27.07 12.08
CA SER A 52 -21.50 28.31 11.53
C SER A 52 -21.02 29.31 12.57
N THR A 53 -21.19 29.05 13.86
CA THR A 53 -20.87 30.03 14.89
C THR A 53 -19.38 29.98 15.18
N LEU A 54 -18.66 31.03 14.77
CA LEU A 54 -17.22 31.09 14.96
C LEU A 54 -16.89 31.41 16.41
N GLN A 55 -16.01 30.62 17.00
CA GLN A 55 -15.67 30.78 18.40
C GLN A 55 -14.84 32.04 18.62
N SER A 56 -14.92 32.59 19.83
CA SER A 56 -14.24 33.83 20.15
C SER A 56 -12.75 33.74 19.84
N GLY A 57 -12.23 34.75 19.15
CA GLY A 57 -10.83 34.82 18.82
C GLY A 57 -10.44 34.16 17.51
N VAL A 58 -11.27 33.27 16.98
CA VAL A 58 -10.93 32.58 15.74
C VAL A 58 -10.97 33.58 14.58
N PRO A 59 -9.95 33.61 13.72
CA PRO A 59 -9.97 34.55 12.59
C PRO A 59 -11.25 34.43 11.79
N SER A 60 -11.64 35.54 11.16
CA SER A 60 -12.87 35.57 10.37
C SER A 60 -12.76 34.84 9.05
N ARG A 61 -11.55 34.46 8.63
CA ARG A 61 -11.40 33.68 7.42
C ARG A 61 -11.97 32.27 7.58
N PHE A 62 -12.20 31.83 8.82
CA PHE A 62 -12.85 30.55 9.07
C PHE A 62 -14.36 30.73 9.09
N SER A 63 -15.08 29.78 8.49
CA SER A 63 -16.53 29.85 8.45
C SER A 63 -17.08 28.45 8.21
N GLY A 64 -18.22 28.16 8.84
CA GLY A 64 -18.91 26.90 8.65
C GLY A 64 -20.29 27.14 8.05
N SER A 65 -20.80 26.13 7.35
CA SER A 65 -22.10 26.23 6.72
C SER A 65 -22.69 24.82 6.58
N GLY A 66 -23.88 24.75 5.98
CA GLY A 66 -24.58 23.50 5.78
C GLY A 66 -25.34 23.06 7.00
N SER A 67 -26.40 22.29 6.81
CA SER A 67 -27.18 21.79 7.93
C SER A 67 -27.83 20.47 7.52
N GLY A 68 -28.16 19.66 8.52
CA GLY A 68 -28.76 18.37 8.27
C GLY A 68 -27.75 17.25 8.28
N THR A 69 -27.16 16.97 7.11
CA THR A 69 -26.22 15.86 7.01
C THR A 69 -24.90 16.28 6.38
N ASP A 70 -24.90 17.33 5.55
CA ASP A 70 -23.69 17.80 4.89
C ASP A 70 -23.20 19.09 5.54
N PHE A 71 -21.91 19.13 5.87
CA PHE A 71 -21.32 20.28 6.54
C PHE A 71 -19.97 20.60 5.90
N THR A 72 -19.62 21.88 5.92
CA THR A 72 -18.45 22.35 5.20
C THR A 72 -17.68 23.36 6.04
N LEU A 73 -16.36 23.24 6.02
CA LEU A 73 -15.46 24.23 6.60
C LEU A 73 -14.75 24.95 5.47
N THR A 74 -14.73 26.27 5.53
CA THR A 74 -14.11 27.08 4.51
C THR A 74 -13.11 28.04 5.16
N ILE A 75 -11.94 28.16 4.54
CA ILE A 75 -10.88 29.03 5.03
C ILE A 75 -10.47 29.93 3.89
N ASN A 76 -10.86 31.20 3.96
CA ASN A 76 -10.49 32.17 2.95
C ASN A 76 -9.10 32.74 3.23
N SER A 77 -8.32 32.92 2.18
CA SER A 77 -6.96 33.43 2.30
C SER A 77 -6.21 32.67 3.39
N LEU A 78 -5.65 31.51 3.06
CA LEU A 78 -4.90 30.74 4.04
C LEU A 78 -3.71 31.56 4.56
N GLN A 79 -3.37 31.33 5.82
CA GLN A 79 -2.20 31.91 6.45
C GLN A 79 -1.24 30.81 6.88
N PRO A 80 0.07 31.06 6.84
CA PRO A 80 1.04 30.00 7.18
C PRO A 80 0.70 29.22 8.44
N GLU A 81 0.10 29.86 9.43
CA GLU A 81 -0.25 29.16 10.66
C GLU A 81 -1.49 28.29 10.53
N ASP A 82 -2.18 28.35 9.39
CA ASP A 82 -3.40 27.58 9.21
C ASP A 82 -3.14 26.15 8.76
N PHE A 83 -1.95 25.84 8.28
CA PHE A 83 -1.64 24.49 7.82
C PHE A 83 -1.55 23.56 9.02
N ALA A 84 -2.53 22.67 9.15
CA ALA A 84 -2.67 21.79 10.30
C ALA A 84 -3.72 20.74 9.93
N THR A 85 -4.17 19.99 10.93
CA THR A 85 -5.20 18.97 10.74
C THR A 85 -6.52 19.46 11.32
N TYR A 86 -7.60 19.22 10.59
CA TYR A 86 -8.93 19.67 10.99
C TYR A 86 -9.85 18.45 11.14
N TYR A 87 -10.74 18.52 12.13
CA TYR A 87 -11.70 17.48 12.42
C TYR A 87 -13.08 18.10 12.60
N CYS A 88 -14.10 17.43 12.08
CA CYS A 88 -15.47 17.79 12.45
C CYS A 88 -15.86 17.04 13.72
N LEU A 89 -16.88 17.56 14.39
CA LEU A 89 -17.33 17.04 15.67
C LEU A 89 -18.83 17.20 15.77
N GLN A 90 -19.50 16.18 16.29
CA GLN A 90 -20.94 16.22 16.48
C GLN A 90 -21.27 15.79 17.91
N ASP A 91 -22.10 16.57 18.58
CA ASP A 91 -22.53 16.25 19.94
C ASP A 91 -24.04 16.27 20.06
N SER A 92 -24.74 15.95 18.96
CA SER A 92 -26.20 15.91 19.02
C SER A 92 -26.69 14.73 19.86
N ASN A 93 -26.01 13.58 19.76
CA ASN A 93 -26.34 12.42 20.58
C ASN A 93 -25.04 11.82 21.12
N TYR A 94 -25.19 10.81 21.97
CA TYR A 94 -24.06 10.03 22.43
C TYR A 94 -23.97 8.73 21.64
N PRO A 95 -22.74 8.25 21.39
CA PRO A 95 -21.53 8.96 21.84
C PRO A 95 -21.17 10.12 20.91
N LEU A 96 -20.44 11.11 21.44
CA LEU A 96 -19.85 12.12 20.59
C LEU A 96 -18.88 11.45 19.62
N THR A 97 -18.87 11.93 18.38
CA THR A 97 -18.09 11.30 17.32
C THR A 97 -17.34 12.36 16.53
N PHE A 98 -16.23 11.94 15.92
CA PHE A 98 -15.35 12.83 15.17
C PHE A 98 -15.16 12.30 13.75
N GLY A 99 -14.88 13.21 12.84
CA GLY A 99 -14.54 12.83 11.49
C GLY A 99 -13.13 12.26 11.41
N GLY A 100 -12.82 11.70 10.24
CA GLY A 100 -11.50 11.12 10.03
C GLY A 100 -10.37 12.12 10.16
N GLY A 101 -10.65 13.39 9.87
CA GLY A 101 -9.65 14.43 9.88
C GLY A 101 -9.15 14.76 8.48
N THR A 102 -8.61 15.96 8.34
CA THR A 102 -8.06 16.42 7.07
C THR A 102 -6.72 17.11 7.33
N ARG A 103 -5.63 16.52 6.85
CA ARG A 103 -4.32 17.12 6.96
C ARG A 103 -4.13 18.12 5.83
N LEU A 104 -4.02 19.40 6.19
CA LEU A 104 -3.86 20.48 5.22
C LEU A 104 -2.38 20.82 5.12
N GLU A 105 -1.77 20.47 4.00
CA GLU A 105 -0.34 20.61 3.77
C GLU A 105 -0.06 21.73 2.79
N ILE A 106 1.17 22.26 2.86
CA ILE A 106 1.60 23.32 1.95
C ILE A 106 1.88 22.70 0.58
N LYS A 107 1.25 23.27 -0.45
CA LYS A 107 1.49 22.82 -1.81
C LYS A 107 2.81 23.38 -2.34
N ARG A 108 3.49 22.58 -3.15
CA ARG A 108 4.84 22.88 -3.59
C ARG A 108 5.07 22.22 -4.95
N THR A 109 6.14 22.63 -5.61
CA THR A 109 6.50 21.99 -6.87
C THR A 109 6.95 20.55 -6.62
N VAL A 110 6.79 19.70 -7.64
CA VAL A 110 7.21 18.31 -7.53
C VAL A 110 8.71 18.24 -7.30
N ALA A 111 9.14 17.39 -6.38
CA ALA A 111 10.54 17.21 -6.04
C ALA A 111 10.84 15.73 -5.88
N ALA A 112 11.72 15.20 -6.72
CA ALA A 112 12.04 13.78 -6.65
C ALA A 112 12.85 13.47 -5.40
N PRO A 113 12.68 12.28 -4.83
CA PRO A 113 13.45 11.93 -3.64
C PRO A 113 14.88 11.55 -3.98
N SER A 114 15.77 11.83 -3.04
CA SER A 114 17.11 11.27 -3.03
C SER A 114 17.03 9.92 -2.32
N VAL A 115 17.46 8.86 -2.99
CA VAL A 115 17.31 7.50 -2.49
C VAL A 115 18.67 6.99 -2.03
N PHE A 116 18.72 6.45 -0.81
CA PHE A 116 19.91 5.81 -0.28
C PHE A 116 19.49 4.50 0.37
N ILE A 117 20.38 3.51 0.29
CA ILE A 117 20.17 2.21 0.91
C ILE A 117 21.35 1.95 1.85
N PHE A 118 21.05 1.49 3.06
CA PHE A 118 22.07 1.21 4.06
C PHE A 118 22.06 -0.28 4.38
N PRO A 119 23.18 -0.98 4.23
CA PRO A 119 23.24 -2.37 4.66
C PRO A 119 23.22 -2.47 6.17
N PRO A 120 22.95 -3.65 6.72
CA PRO A 120 22.97 -3.79 8.19
C PRO A 120 24.40 -3.74 8.72
N SER A 121 24.58 -3.00 9.81
CA SER A 121 25.90 -2.86 10.40
C SER A 121 26.39 -4.21 10.91
N ASP A 122 27.71 -4.39 10.88
CA ASP A 122 28.29 -5.62 11.43
C ASP A 122 27.99 -5.76 12.92
N GLU A 123 27.94 -4.65 13.64
CA GLU A 123 27.61 -4.71 15.06
C GLU A 123 26.24 -5.33 15.29
N GLN A 124 25.25 -4.88 14.51
CA GLN A 124 23.91 -5.44 14.63
C GLN A 124 23.88 -6.92 14.24
N LEU A 125 24.71 -7.32 13.27
CA LEU A 125 24.72 -8.70 12.83
C LEU A 125 25.23 -9.65 13.91
N LYS A 126 26.09 -9.16 14.80
CA LYS A 126 26.55 -9.99 15.91
C LYS A 126 25.41 -10.36 16.85
N SER A 127 24.30 -9.63 16.80
CA SER A 127 23.17 -9.86 17.68
C SER A 127 22.17 -10.86 17.13
N GLY A 128 22.24 -11.16 15.83
CA GLY A 128 21.31 -12.10 15.22
C GLY A 128 20.22 -11.47 14.39
N THR A 129 20.20 -10.15 14.25
CA THR A 129 19.20 -9.45 13.47
C THR A 129 19.88 -8.58 12.43
N ALA A 130 19.21 -8.38 11.30
CA ALA A 130 19.70 -7.56 10.21
C ALA A 130 18.61 -6.60 9.78
N SER A 131 18.93 -5.30 9.79
CA SER A 131 18.02 -4.27 9.34
C SER A 131 18.61 -3.62 8.10
N VAL A 132 17.86 -3.64 7.00
CA VAL A 132 18.22 -2.95 5.78
C VAL A 132 17.33 -1.73 5.67
N VAL A 133 17.94 -0.55 5.59
CA VAL A 133 17.21 0.71 5.62
C VAL A 133 17.29 1.36 4.25
N CYS A 134 16.14 1.83 3.76
CA CYS A 134 16.04 2.58 2.51
C CYS A 134 15.51 3.96 2.83
N LEU A 135 16.14 4.99 2.27
CA LEU A 135 15.84 6.37 2.59
C LEU A 135 15.36 7.12 1.36
N LEU A 136 14.21 7.78 1.48
CA LEU A 136 13.66 8.67 0.47
C LEU A 136 13.73 10.08 1.05
N ASN A 137 14.68 10.88 0.58
CA ASN A 137 15.03 12.13 1.24
C ASN A 137 14.42 13.31 0.48
N ASN A 138 13.61 14.09 1.19
CA ASN A 138 13.10 15.37 0.70
C ASN A 138 12.45 15.26 -0.68
N PHE A 139 11.21 14.80 -0.71
CA PHE A 139 10.47 14.62 -1.95
C PHE A 139 9.06 15.21 -1.79
N TYR A 140 8.38 15.37 -2.92
CA TYR A 140 7.02 15.91 -2.91
C TYR A 140 6.36 15.59 -4.24
N PRO A 141 5.09 15.17 -4.26
CA PRO A 141 4.21 15.08 -3.09
C PRO A 141 4.54 13.93 -2.14
N ARG A 142 3.70 13.76 -1.11
CA ARG A 142 3.99 12.81 -0.04
C ARG A 142 3.86 11.36 -0.51
N GLU A 143 2.96 11.08 -1.45
CA GLU A 143 2.73 9.71 -1.90
C GLU A 143 3.98 9.13 -2.54
N ALA A 144 4.35 7.92 -2.13
CA ALA A 144 5.48 7.21 -2.70
C ALA A 144 5.25 5.71 -2.53
N LYS A 145 6.03 4.93 -3.27
CA LYS A 145 5.95 3.47 -3.21
C LYS A 145 7.37 2.92 -3.16
N VAL A 146 7.64 2.10 -2.15
CA VAL A 146 8.95 1.47 -1.96
C VAL A 146 8.74 -0.05 -1.99
N GLN A 147 9.46 -0.73 -2.88
CA GLN A 147 9.40 -2.18 -2.98
C GLN A 147 10.77 -2.77 -2.65
N TRP A 148 10.78 -3.76 -1.77
CA TRP A 148 11.99 -4.48 -1.41
C TRP A 148 12.08 -5.76 -2.23
N LYS A 149 13.25 -5.99 -2.84
CA LYS A 149 13.54 -7.23 -3.55
C LYS A 149 14.82 -7.82 -3.00
N VAL A 150 14.77 -9.09 -2.62
CA VAL A 150 15.93 -9.83 -2.13
C VAL A 150 16.22 -10.94 -3.13
N ASP A 151 17.30 -10.78 -3.90
CA ASP A 151 17.61 -11.69 -5.00
C ASP A 151 16.46 -11.75 -6.00
N ASN A 152 15.87 -10.59 -6.27
CA ASN A 152 14.73 -10.44 -7.17
C ASN A 152 13.45 -11.02 -6.60
N ALA A 153 13.45 -11.39 -5.31
CA ALA A 153 12.26 -11.92 -4.66
C ALA A 153 11.55 -10.76 -3.96
N LEU A 154 10.35 -10.42 -4.44
CA LEU A 154 9.58 -9.34 -3.83
C LEU A 154 9.28 -9.65 -2.37
N GLN A 155 9.60 -8.71 -1.50
CA GLN A 155 9.38 -8.86 -0.06
C GLN A 155 8.00 -8.34 0.32
N SER A 156 7.43 -8.94 1.36
CA SER A 156 6.10 -8.57 1.83
C SER A 156 5.97 -8.89 3.31
N GLY A 157 5.43 -7.93 4.07
CA GLY A 157 5.14 -8.14 5.48
C GLY A 157 6.32 -8.11 6.41
N ASN A 158 7.51 -7.78 5.92
CA ASN A 158 8.72 -7.77 6.73
C ASN A 158 9.41 -6.41 6.68
N SER A 159 8.64 -5.33 6.52
CA SER A 159 9.21 -3.99 6.51
C SER A 159 8.20 -3.03 7.12
N GLN A 160 8.73 -1.92 7.64
CA GLN A 160 7.92 -0.86 8.23
C GLN A 160 8.38 0.47 7.66
N GLU A 161 7.42 1.37 7.41
CA GLU A 161 7.72 2.69 6.87
C GLU A 161 7.43 3.76 7.92
N SER A 162 8.20 4.85 7.83
CA SER A 162 8.04 5.99 8.71
C SER A 162 8.19 7.26 7.90
N VAL A 163 7.22 8.15 8.00
CA VAL A 163 7.19 9.40 7.25
C VAL A 163 7.34 10.56 8.23
N THR A 164 8.13 11.55 7.85
CA THR A 164 8.29 12.73 8.69
C THR A 164 7.17 13.73 8.45
N GLU A 165 7.05 14.68 9.37
CA GLU A 165 6.16 15.82 9.14
C GLU A 165 6.70 16.66 7.99
N GLN A 166 5.79 17.36 7.31
CA GLN A 166 6.18 18.21 6.19
C GLN A 166 7.21 19.24 6.66
N ASP A 167 8.32 19.31 5.92
CA ASP A 167 9.41 20.19 6.32
C ASP A 167 8.97 21.65 6.30
N SER A 168 9.39 22.40 7.33
CA SER A 168 9.03 23.81 7.45
C SER A 168 9.86 24.71 6.53
N LYS A 169 10.96 24.21 5.98
CA LYS A 169 11.80 25.02 5.09
C LYS A 169 11.43 24.81 3.63
N ASP A 170 11.57 23.59 3.12
CA ASP A 170 11.33 23.30 1.72
C ASP A 170 10.01 22.58 1.46
N SER A 171 9.24 22.30 2.50
CA SER A 171 7.91 21.71 2.37
C SER A 171 7.93 20.29 1.78
N THR A 172 9.03 19.57 1.92
CA THR A 172 9.11 18.21 1.42
C THR A 172 8.86 17.22 2.54
N TYR A 173 8.71 15.96 2.16
CA TYR A 173 8.63 14.85 3.10
C TYR A 173 9.84 13.95 2.93
N SER A 174 10.10 13.16 3.96
CA SER A 174 11.12 12.14 3.92
C SER A 174 10.52 10.84 4.43
N LEU A 175 11.07 9.72 3.97
CA LEU A 175 10.50 8.44 4.32
C LEU A 175 11.59 7.40 4.46
N SER A 176 11.37 6.48 5.39
CA SER A 176 12.26 5.36 5.62
C SER A 176 11.49 4.06 5.51
N SER A 177 12.06 3.09 4.80
CA SER A 177 11.56 1.73 4.78
C SER A 177 12.64 0.82 5.33
N THR A 178 12.27 -0.03 6.28
CA THR A 178 13.22 -0.88 6.99
C THR A 178 12.85 -2.34 6.76
N LEU A 179 13.71 -3.07 6.05
CA LEU A 179 13.54 -4.50 5.89
C LEU A 179 14.22 -5.20 7.06
N THR A 180 13.44 -5.98 7.82
CA THR A 180 13.95 -6.67 9.01
C THR A 180 14.02 -8.16 8.72
N LEU A 181 15.24 -8.71 8.81
CA LEU A 181 15.47 -10.14 8.66
C LEU A 181 16.36 -10.60 9.81
N SER A 182 16.38 -11.91 10.02
CA SER A 182 17.31 -12.46 11.00
C SER A 182 18.67 -12.67 10.36
N LYS A 183 19.67 -12.90 11.20
CA LYS A 183 21.02 -13.13 10.69
C LYS A 183 21.05 -14.34 9.76
N ALA A 184 20.26 -15.37 10.08
CA ALA A 184 20.24 -16.57 9.24
C ALA A 184 19.64 -16.28 7.88
N ASP A 185 18.44 -15.72 7.85
CA ASP A 185 17.79 -15.40 6.58
C ASP A 185 18.65 -14.45 5.75
N TYR A 186 19.25 -13.44 6.39
CA TYR A 186 19.99 -12.43 5.65
C TYR A 186 21.19 -13.02 4.93
N GLU A 187 22.01 -13.79 5.65
CA GLU A 187 23.20 -14.38 5.06
C GLU A 187 22.90 -15.39 3.96
N LYS A 188 21.64 -15.72 3.67
CA LYS A 188 21.33 -16.67 2.62
C LYS A 188 20.99 -16.00 1.30
N HIS A 189 21.25 -14.70 1.16
CA HIS A 189 20.94 -13.98 -0.08
C HIS A 189 21.99 -12.91 -0.30
N LYS A 190 22.21 -12.57 -1.58
CA LYS A 190 23.30 -11.69 -1.99
C LYS A 190 22.86 -10.23 -2.14
N VAL A 191 21.96 -9.96 -3.08
CA VAL A 191 21.62 -8.60 -3.50
C VAL A 191 20.35 -8.17 -2.80
N TYR A 192 20.37 -6.96 -2.23
CA TYR A 192 19.22 -6.36 -1.57
C TYR A 192 18.90 -5.05 -2.25
N ALA A 193 17.73 -4.96 -2.87
CA ALA A 193 17.37 -3.87 -3.76
C ALA A 193 16.15 -3.12 -3.23
N CYS A 194 16.21 -1.79 -3.31
CA CYS A 194 15.12 -0.92 -2.92
C CYS A 194 14.69 -0.12 -4.14
N GLU A 195 13.48 -0.38 -4.63
CA GLU A 195 12.96 0.33 -5.79
C GLU A 195 11.92 1.35 -5.34
N VAL A 196 12.10 2.59 -5.76
CA VAL A 196 11.28 3.72 -5.32
C VAL A 196 10.51 4.26 -6.52
N THR A 197 9.19 4.38 -6.38
CA THR A 197 8.31 4.97 -7.38
C THR A 197 7.78 6.29 -6.86
N HIS A 198 8.05 7.37 -7.58
CA HIS A 198 7.58 8.70 -7.21
C HIS A 198 7.39 9.51 -8.47
N GLN A 199 6.35 10.34 -8.49
CA GLN A 199 6.02 11.06 -9.72
C GLN A 199 7.07 12.09 -10.09
N GLY A 200 8.00 12.40 -9.19
CA GLY A 200 9.12 13.25 -9.55
C GLY A 200 10.23 12.55 -10.30
N LEU A 201 10.18 11.21 -10.35
CA LEU A 201 11.15 10.41 -11.08
C LEU A 201 10.55 10.00 -12.42
N SER A 202 11.29 10.24 -13.50
CA SER A 202 10.80 9.82 -14.81
C SER A 202 10.50 8.33 -14.84
N SER A 203 11.27 7.54 -14.11
CA SER A 203 10.99 6.11 -13.95
C SER A 203 11.47 5.69 -12.58
N PRO A 204 10.96 4.58 -12.04
CA PRO A 204 11.38 4.14 -10.71
C PRO A 204 12.90 3.94 -10.65
N VAL A 205 13.47 4.30 -9.51
CA VAL A 205 14.91 4.18 -9.28
C VAL A 205 15.16 3.05 -8.30
N THR A 206 16.19 2.27 -8.56
CA THR A 206 16.56 1.12 -7.73
C THR A 206 17.93 1.37 -7.13
N LYS A 207 17.98 1.40 -5.80
CA LYS A 207 19.25 1.40 -5.07
C LYS A 207 19.43 0.02 -4.45
N SER A 208 20.65 -0.51 -4.54
CA SER A 208 20.91 -1.86 -4.09
C SER A 208 22.39 -2.00 -3.75
N PHE A 209 22.73 -3.15 -3.16
CA PHE A 209 24.10 -3.47 -2.82
C PHE A 209 24.26 -4.98 -2.81
N ASN A 210 25.50 -5.42 -2.95
CA ASN A 210 25.84 -6.83 -2.88
C ASN A 210 26.51 -7.10 -1.54
N ARG A 211 25.88 -7.93 -0.72
CA ARG A 211 26.38 -8.22 0.62
C ARG A 211 27.78 -8.82 0.59
N GLU B 1 23.50 -18.40 -7.06
CA GLU B 1 23.32 -18.06 -8.46
C GLU B 1 23.77 -16.63 -8.73
N ILE B 2 23.85 -16.26 -10.00
CA ILE B 2 24.19 -14.89 -10.39
C ILE B 2 22.88 -14.12 -10.54
N VAL B 3 22.69 -13.13 -9.66
CA VAL B 3 21.46 -12.34 -9.69
C VAL B 3 21.60 -11.23 -10.73
N LEU B 4 20.53 -10.98 -11.45
CA LEU B 4 20.45 -9.88 -12.41
C LEU B 4 19.48 -8.83 -11.88
N THR B 5 19.98 -7.63 -11.64
CA THR B 5 19.18 -6.51 -11.16
C THR B 5 18.82 -5.62 -12.36
N GLN B 6 17.56 -5.66 -12.76
CA GLN B 6 17.07 -4.91 -13.92
C GLN B 6 16.31 -3.67 -13.45
N SER B 7 16.51 -2.56 -14.18
CA SER B 7 15.86 -1.30 -13.88
C SER B 7 15.52 -0.57 -15.17
N PRO B 8 14.34 0.08 -15.24
CA PRO B 8 13.36 0.06 -14.16
C PRO B 8 12.35 -1.08 -14.31
N SER B 9 11.62 -1.38 -13.24
CA SER B 9 10.60 -2.41 -13.31
C SER B 9 9.52 -2.06 -14.32
N SER B 10 9.28 -0.76 -14.54
CA SER B 10 8.37 -0.29 -15.56
C SER B 10 8.90 1.01 -16.13
N LEU B 11 8.50 1.32 -17.36
CA LEU B 11 9.02 2.51 -18.03
C LEU B 11 7.98 3.04 -19.00
N SER B 12 7.87 4.36 -19.07
CA SER B 12 6.92 5.04 -19.94
C SER B 12 7.68 5.81 -21.01
N ALA B 13 7.15 5.79 -22.23
CA ALA B 13 7.78 6.48 -23.35
C ALA B 13 6.76 6.67 -24.46
N SER B 14 7.11 7.54 -25.40
CA SER B 14 6.31 7.81 -26.58
C SER B 14 6.96 7.18 -27.81
N VAL B 15 6.18 7.07 -28.88
CA VAL B 15 6.72 6.60 -30.14
C VAL B 15 7.85 7.50 -30.56
N GLY B 16 8.90 6.92 -31.15
CA GLY B 16 10.07 7.67 -31.55
C GLY B 16 11.04 7.99 -30.45
N ASP B 17 10.70 7.72 -29.19
CA ASP B 17 11.59 8.00 -28.08
C ASP B 17 12.76 7.01 -28.05
N ARG B 18 13.78 7.37 -27.29
CA ARG B 18 14.95 6.52 -27.06
C ARG B 18 14.89 6.04 -25.61
N VAL B 19 14.71 4.73 -25.42
CA VAL B 19 14.61 4.15 -24.09
C VAL B 19 15.88 3.39 -23.77
N THR B 20 16.21 3.35 -22.48
CA THR B 20 17.34 2.59 -21.98
C THR B 20 16.87 1.67 -20.86
N ILE B 21 17.33 0.43 -20.88
CA ILE B 21 16.97 -0.57 -19.87
C ILE B 21 18.27 -1.21 -19.38
N THR B 22 18.52 -1.11 -18.08
CA THR B 22 19.74 -1.60 -17.48
C THR B 22 19.52 -2.96 -16.84
N CYS B 23 20.61 -3.55 -16.36
CA CYS B 23 20.57 -4.88 -15.77
C CYS B 23 21.97 -5.28 -15.31
N ARG B 24 22.16 -5.43 -14.01
CA ARG B 24 23.47 -5.66 -13.41
C ARG B 24 23.53 -7.06 -12.80
N ALA B 25 24.61 -7.78 -13.08
CA ALA B 25 24.81 -9.11 -12.53
C ALA B 25 25.59 -9.05 -11.23
N SER B 26 25.24 -9.92 -10.29
CA SER B 26 25.91 -9.98 -9.00
C SER B 26 27.38 -10.38 -9.12
N GLN B 27 27.81 -10.86 -10.28
CA GLN B 27 29.22 -11.14 -10.51
C GLN B 27 29.46 -11.13 -12.02
N GLY B 28 30.74 -11.08 -12.39
CA GLY B 28 31.11 -11.04 -13.79
C GLY B 28 30.57 -12.20 -14.60
N ILE B 29 29.99 -11.91 -15.76
CA ILE B 29 29.43 -12.95 -16.61
C ILE B 29 29.95 -12.76 -18.04
N GLY B 30 31.02 -11.99 -18.18
CA GLY B 30 31.61 -11.79 -19.49
C GLY B 30 30.64 -11.13 -20.45
N ASP B 31 30.48 -11.74 -21.63
CA ASP B 31 29.55 -11.26 -22.63
C ASP B 31 28.32 -12.16 -22.76
N ASP B 32 28.13 -13.09 -21.83
CA ASP B 32 27.05 -14.07 -21.92
C ASP B 32 25.77 -13.52 -21.28
N LEU B 33 25.28 -12.43 -21.86
CA LEU B 33 24.02 -11.82 -21.46
C LEU B 33 23.18 -11.55 -22.71
N GLY B 34 21.86 -11.68 -22.57
CA GLY B 34 20.96 -11.47 -23.68
C GLY B 34 19.73 -10.71 -23.23
N TRP B 35 18.94 -10.28 -24.23
CA TRP B 35 17.74 -9.51 -23.98
C TRP B 35 16.56 -10.16 -24.70
N TYR B 36 15.47 -10.36 -23.97
CA TYR B 36 14.26 -10.97 -24.50
C TYR B 36 13.12 -9.96 -24.47
N GLN B 37 12.18 -10.12 -25.40
CA GLN B 37 10.96 -9.33 -25.43
C GLN B 37 9.77 -10.28 -25.31
N GLN B 38 8.79 -9.90 -24.48
CA GLN B 38 7.61 -10.72 -24.29
C GLN B 38 6.39 -9.83 -24.22
N LYS B 39 5.34 -10.23 -24.94
CA LYS B 39 4.04 -9.59 -24.88
C LYS B 39 3.04 -10.49 -24.19
N PRO B 40 1.96 -9.95 -23.64
CA PRO B 40 1.02 -10.78 -22.88
C PRO B 40 0.49 -11.95 -23.69
N GLY B 41 0.54 -13.14 -23.07
CA GLY B 41 0.00 -14.33 -23.72
C GLY B 41 0.82 -14.87 -24.86
N LYS B 42 2.07 -14.45 -24.99
CA LYS B 42 2.93 -14.88 -26.09
C LYS B 42 4.29 -15.29 -25.54
N ALA B 43 4.93 -16.24 -26.21
CA ALA B 43 6.23 -16.71 -25.78
C ALA B 43 7.29 -15.63 -25.99
N PRO B 44 8.29 -15.57 -25.11
CA PRO B 44 9.33 -14.55 -25.27
C PRO B 44 10.09 -14.74 -26.58
N ILE B 45 10.66 -13.65 -27.08
CA ILE B 45 11.43 -13.64 -28.32
C ILE B 45 12.79 -13.02 -28.04
N LEU B 46 13.85 -13.78 -28.35
CA LEU B 46 15.21 -13.29 -28.15
C LEU B 46 15.50 -12.12 -29.09
N LEU B 47 16.04 -11.04 -28.53
CA LEU B 47 16.36 -9.84 -29.29
C LEU B 47 17.87 -9.67 -29.48
N ILE B 48 18.61 -9.61 -28.39
CA ILE B 48 20.07 -9.45 -28.43
C ILE B 48 20.70 -10.63 -27.70
N TYR B 49 21.87 -11.04 -28.18
CA TYR B 49 22.62 -12.12 -27.57
C TYR B 49 24.10 -11.76 -27.61
N GLY B 50 24.86 -12.38 -26.70
CA GLY B 50 26.27 -12.03 -26.57
C GLY B 50 26.49 -10.57 -26.22
N THR B 51 25.60 -9.99 -25.43
CA THR B 51 25.68 -8.59 -25.03
C THR B 51 25.28 -7.66 -26.18
N SER B 52 25.94 -7.79 -27.33
CA SER B 52 25.79 -6.85 -28.43
C SER B 52 25.20 -7.44 -29.69
N THR B 53 25.33 -8.74 -29.92
CA THR B 53 24.93 -9.32 -31.19
C THR B 53 23.41 -9.29 -31.34
N LEU B 54 22.95 -8.72 -32.45
CA LEU B 54 21.52 -8.63 -32.74
C LEU B 54 21.09 -9.88 -33.50
N GLN B 55 19.98 -10.47 -33.06
CA GLN B 55 19.49 -11.70 -33.64
C GLN B 55 18.93 -11.46 -35.04
N SER B 56 18.90 -12.52 -35.83
CA SER B 56 18.39 -12.42 -37.19
C SER B 56 16.94 -11.94 -37.19
N GLY B 57 16.64 -10.96 -38.04
CA GLY B 57 15.29 -10.47 -38.21
C GLY B 57 14.86 -9.40 -37.24
N VAL B 58 15.51 -9.28 -36.09
CA VAL B 58 15.07 -8.26 -35.12
C VAL B 58 15.42 -6.88 -35.65
N PRO B 59 14.51 -5.90 -35.55
CA PRO B 59 14.81 -4.56 -36.08
C PRO B 59 16.11 -4.01 -35.52
N SER B 60 16.76 -3.16 -36.32
CA SER B 60 18.05 -2.59 -35.96
C SER B 60 17.95 -1.49 -34.91
N ARG B 61 16.74 -1.03 -34.58
CA ARG B 61 16.60 -0.04 -33.51
C ARG B 61 16.91 -0.62 -32.14
N PHE B 62 16.96 -1.95 -32.01
CA PHE B 62 17.39 -2.60 -30.78
C PHE B 62 18.90 -2.75 -30.79
N SER B 63 19.54 -2.38 -29.68
CA SER B 63 20.99 -2.49 -29.56
C SER B 63 21.33 -2.76 -28.10
N GLY B 64 22.46 -3.45 -27.89
CA GLY B 64 22.88 -3.82 -26.56
C GLY B 64 24.35 -3.55 -26.33
N SER B 65 24.68 -3.18 -25.10
CA SER B 65 26.04 -2.93 -24.69
C SER B 65 26.25 -3.45 -23.27
N GLY B 66 27.51 -3.50 -22.86
CA GLY B 66 27.83 -3.99 -21.53
C GLY B 66 29.29 -3.91 -21.18
N SER B 67 29.59 -3.39 -19.99
CA SER B 67 30.96 -3.31 -19.50
C SER B 67 31.49 -4.65 -19.02
N GLY B 68 30.65 -5.68 -18.98
CA GLY B 68 30.98 -6.96 -18.38
C GLY B 68 30.29 -7.20 -17.06
N THR B 69 29.96 -6.12 -16.34
CA THR B 69 29.17 -6.17 -15.11
C THR B 69 27.81 -5.49 -15.27
N ASP B 70 27.77 -4.31 -15.88
CA ASP B 70 26.52 -3.63 -16.19
C ASP B 70 26.18 -3.82 -17.66
N PHE B 71 24.91 -4.04 -17.94
CA PHE B 71 24.44 -4.28 -19.30
C PHE B 71 23.25 -3.37 -19.58
N THR B 72 23.14 -2.96 -20.84
CA THR B 72 22.12 -1.99 -21.23
C THR B 72 21.49 -2.38 -22.55
N LEU B 73 20.17 -2.47 -22.57
CA LEU B 73 19.39 -2.58 -23.80
C LEU B 73 18.92 -1.19 -24.19
N THR B 74 19.10 -0.84 -25.46
CA THR B 74 18.69 0.46 -25.98
C THR B 74 17.73 0.28 -27.14
N ILE B 75 16.73 1.14 -27.20
CA ILE B 75 15.76 1.16 -28.29
C ILE B 75 15.67 2.60 -28.79
N ASN B 76 16.09 2.82 -30.04
CA ASN B 76 16.00 4.14 -30.65
C ASN B 76 14.72 4.24 -31.45
N SER B 77 14.02 5.36 -31.32
CA SER B 77 12.80 5.62 -32.07
C SER B 77 11.79 4.48 -31.86
N LEU B 78 11.23 4.47 -30.66
CA LEU B 78 10.26 3.44 -30.28
C LEU B 78 9.15 3.32 -31.32
N GLN B 79 8.75 2.09 -31.60
CA GLN B 79 7.62 1.83 -32.47
C GLN B 79 6.44 1.30 -31.65
N PRO B 80 5.22 1.50 -32.14
CA PRO B 80 4.04 1.02 -31.38
C PRO B 80 4.11 -0.45 -31.00
N GLU B 81 4.70 -1.30 -31.85
CA GLU B 81 4.80 -2.72 -31.54
C GLU B 81 5.85 -3.04 -30.48
N ASP B 82 6.70 -2.08 -30.12
CA ASP B 82 7.77 -2.34 -29.16
C ASP B 82 7.32 -2.27 -27.72
N PHE B 83 6.14 -1.71 -27.45
CA PHE B 83 5.64 -1.65 -26.08
C PHE B 83 5.31 -3.05 -25.61
N ALA B 84 6.08 -3.54 -24.64
CA ALA B 84 6.01 -4.93 -24.18
C ALA B 84 6.89 -5.03 -22.94
N THR B 85 7.16 -6.26 -22.52
CA THR B 85 8.01 -6.51 -21.37
C THR B 85 9.35 -7.08 -21.83
N TYR B 86 10.42 -6.62 -21.20
CA TYR B 86 11.78 -7.00 -21.57
C TYR B 86 12.49 -7.61 -20.36
N TYR B 87 13.25 -8.67 -20.62
CA TYR B 87 14.04 -9.35 -19.60
C TYR B 87 15.47 -9.51 -20.10
N CYS B 88 16.44 -9.30 -19.21
CA CYS B 88 17.81 -9.67 -19.50
C CYS B 88 18.04 -11.12 -19.09
N LEU B 89 19.01 -11.76 -19.74
CA LEU B 89 19.31 -13.16 -19.50
C LEU B 89 20.81 -13.37 -19.53
N GLN B 90 21.30 -14.14 -18.55
CA GLN B 90 22.71 -14.51 -18.49
C GLN B 90 22.81 -16.03 -18.46
N ASP B 91 23.65 -16.59 -19.32
CA ASP B 91 23.94 -18.01 -19.33
C ASP B 91 25.43 -18.26 -19.12
N SER B 92 26.10 -17.30 -18.50
CA SER B 92 27.52 -17.44 -18.19
C SER B 92 27.78 -18.70 -17.37
N ASN B 93 26.97 -18.93 -16.34
CA ASN B 93 27.10 -20.13 -15.53
C ASN B 93 25.71 -20.59 -15.11
N TYR B 94 25.65 -21.77 -14.51
CA TYR B 94 24.36 -22.29 -14.10
C TYR B 94 24.13 -22.07 -12.62
N PRO B 95 22.87 -21.85 -12.21
CA PRO B 95 21.72 -21.83 -13.12
C PRO B 95 21.59 -20.53 -13.92
N LEU B 96 20.97 -20.61 -15.10
CA LEU B 96 20.65 -19.41 -15.85
C LEU B 96 19.67 -18.55 -15.06
N THR B 97 19.80 -17.24 -15.21
CA THR B 97 19.01 -16.31 -14.43
C THR B 97 18.49 -15.19 -15.32
N PHE B 98 17.30 -14.69 -14.99
CA PHE B 98 16.66 -13.60 -15.71
C PHE B 98 16.58 -12.37 -14.82
N GLY B 99 16.55 -11.20 -15.45
CA GLY B 99 16.29 -9.98 -14.72
C GLY B 99 14.84 -9.90 -14.26
N GLY B 100 14.58 -8.94 -13.37
CA GLY B 100 13.24 -8.76 -12.85
C GLY B 100 12.22 -8.40 -13.92
N GLY B 101 12.66 -7.83 -15.02
CA GLY B 101 11.76 -7.47 -16.10
C GLY B 101 11.48 -5.98 -16.14
N THR B 102 11.20 -5.48 -17.35
CA THR B 102 10.85 -4.08 -17.56
C THR B 102 9.59 -4.03 -18.42
N ARG B 103 8.51 -3.50 -17.85
CA ARG B 103 7.28 -3.29 -18.59
C ARG B 103 7.32 -1.89 -19.21
N LEU B 104 7.37 -1.83 -20.53
CA LEU B 104 7.45 -0.59 -21.26
C LEU B 104 6.06 -0.21 -21.73
N GLU B 105 5.49 0.84 -21.13
CA GLU B 105 4.14 1.29 -21.42
C GLU B 105 4.17 2.58 -22.23
N ILE B 106 3.10 2.82 -22.98
CA ILE B 106 3.01 4.01 -23.82
C ILE B 106 2.61 5.19 -22.96
N LYS B 107 3.38 6.27 -23.04
CA LYS B 107 3.10 7.47 -22.26
C LYS B 107 1.89 8.20 -22.84
N ARG B 108 1.22 8.96 -21.97
CA ARG B 108 -0.06 9.57 -22.32
C ARG B 108 -0.29 10.76 -21.41
N THR B 109 -1.27 11.59 -21.79
CA THR B 109 -1.67 12.69 -20.92
C THR B 109 -2.33 12.15 -19.65
N VAL B 110 -2.13 12.88 -18.55
CA VAL B 110 -2.72 12.47 -17.28
C VAL B 110 -4.24 12.50 -17.40
N ALA B 111 -4.89 11.55 -16.73
CA ALA B 111 -6.35 11.44 -16.77
C ALA B 111 -6.83 10.92 -15.43
N ALA B 112 -7.59 11.75 -14.71
CA ALA B 112 -8.09 11.33 -13.41
C ALA B 112 -9.08 10.19 -13.57
N PRO B 113 -9.11 9.26 -12.62
CA PRO B 113 -10.04 8.13 -12.73
C PRO B 113 -11.46 8.53 -12.36
N SER B 114 -12.40 7.77 -12.89
CA SER B 114 -13.78 7.82 -12.45
C SER B 114 -13.94 6.76 -11.37
N VAL B 115 -14.33 7.17 -10.16
CA VAL B 115 -14.41 6.28 -9.01
C VAL B 115 -15.87 5.89 -8.79
N PHE B 116 -16.11 4.59 -8.62
CA PHE B 116 -17.43 4.07 -8.28
C PHE B 116 -17.27 3.05 -7.16
N ILE B 117 -18.25 3.01 -6.26
CA ILE B 117 -18.29 2.03 -5.17
C ILE B 117 -19.58 1.23 -5.27
N PHE B 118 -19.47 -0.08 -5.07
CA PHE B 118 -20.60 -0.99 -5.16
C PHE B 118 -20.80 -1.72 -3.83
N PRO B 119 -22.02 -1.75 -3.30
CA PRO B 119 -22.27 -2.53 -2.09
C PRO B 119 -22.32 -4.02 -2.38
N PRO B 120 -22.36 -4.85 -1.35
CA PRO B 120 -22.54 -6.29 -1.59
C PRO B 120 -23.98 -6.58 -1.96
N SER B 121 -24.17 -7.68 -2.68
CA SER B 121 -25.52 -8.11 -3.03
C SER B 121 -26.14 -8.88 -1.88
N ASP B 122 -27.47 -8.81 -1.78
CA ASP B 122 -28.17 -9.63 -0.79
C ASP B 122 -27.86 -11.11 -1.01
N GLU B 123 -27.73 -11.52 -2.27
CA GLU B 123 -27.48 -12.92 -2.57
C GLU B 123 -26.15 -13.40 -1.96
N GLN B 124 -25.13 -12.54 -1.98
CA GLN B 124 -23.85 -12.93 -1.38
C GLN B 124 -23.95 -12.95 0.14
N LEU B 125 -24.63 -11.97 0.73
CA LEU B 125 -24.77 -11.94 2.18
C LEU B 125 -25.47 -13.19 2.71
N LYS B 126 -26.37 -13.78 1.90
CA LYS B 126 -27.03 -15.01 2.33
C LYS B 126 -26.03 -16.13 2.57
N SER B 127 -24.85 -16.06 1.94
CA SER B 127 -23.83 -17.10 2.10
C SER B 127 -22.88 -16.83 3.27
N GLY B 128 -22.95 -15.66 3.89
CA GLY B 128 -22.10 -15.34 5.03
C GLY B 128 -20.90 -14.47 4.72
N THR B 129 -20.69 -14.10 3.47
CA THR B 129 -19.57 -13.26 3.06
C THR B 129 -20.10 -12.00 2.40
N ALA B 130 -19.31 -10.93 2.48
CA ALA B 130 -19.66 -9.65 1.91
C ALA B 130 -18.48 -9.09 1.15
N SER B 131 -18.64 -8.86 -0.15
CA SER B 131 -17.62 -8.26 -0.99
C SER B 131 -18.04 -6.84 -1.35
N VAL B 132 -17.17 -5.87 -1.03
CA VAL B 132 -17.36 -4.48 -1.40
C VAL B 132 -16.34 -4.14 -2.46
N VAL B 133 -16.79 -3.57 -3.58
CA VAL B 133 -15.93 -3.32 -4.73
C VAL B 133 -15.87 -1.82 -4.98
N CYS B 134 -14.66 -1.32 -5.19
CA CYS B 134 -14.41 0.06 -5.58
C CYS B 134 -13.72 0.05 -6.94
N LEU B 135 -14.18 0.90 -7.84
CA LEU B 135 -13.75 0.87 -9.24
C LEU B 135 -13.04 2.17 -9.60
N LEU B 136 -11.84 2.04 -10.15
CA LEU B 136 -11.11 3.15 -10.77
C LEU B 136 -11.14 2.94 -12.28
N ASN B 137 -11.81 3.85 -12.98
CA ASN B 137 -12.11 3.67 -14.39
C ASN B 137 -11.24 4.59 -15.24
N ASN B 138 -10.57 4.00 -16.24
CA ASN B 138 -9.86 4.74 -17.28
C ASN B 138 -9.08 5.94 -16.76
N PHE B 139 -7.90 5.70 -16.21
CA PHE B 139 -7.05 6.75 -15.67
C PHE B 139 -5.62 6.57 -16.16
N TYR B 140 -4.80 7.58 -15.91
CA TYR B 140 -3.38 7.55 -16.21
C TYR B 140 -2.68 8.68 -15.48
N PRO B 141 -1.47 8.45 -14.94
CA PRO B 141 -0.72 7.20 -15.06
C PRO B 141 -1.25 6.04 -14.20
N ARG B 142 -0.55 4.91 -14.29
CA ARG B 142 -1.01 3.67 -13.68
C ARG B 142 -1.00 3.75 -12.15
N GLU B 143 -0.07 4.51 -11.57
CA GLU B 143 0.08 4.53 -10.11
C GLU B 143 -1.13 5.15 -9.44
N ALA B 144 -1.66 4.48 -8.43
CA ALA B 144 -2.81 4.98 -7.69
C ALA B 144 -2.79 4.42 -6.27
N LYS B 145 -3.54 5.08 -5.39
CA LYS B 145 -3.65 4.68 -3.99
C LYS B 145 -5.14 4.55 -3.64
N VAL B 146 -5.53 3.38 -3.17
CA VAL B 146 -6.92 3.08 -2.83
C VAL B 146 -6.98 2.66 -1.37
N GLN B 147 -7.74 3.41 -0.58
CA GLN B 147 -7.80 3.23 0.87
C GLN B 147 -9.24 2.95 1.27
N TRP B 148 -9.47 1.80 1.93
CA TRP B 148 -10.78 1.44 2.44
C TRP B 148 -10.96 1.94 3.87
N LYS B 149 -12.15 2.43 4.17
CA LYS B 149 -12.51 2.82 5.52
C LYS B 149 -13.89 2.25 5.86
N VAL B 150 -14.00 1.72 7.07
CA VAL B 150 -15.26 1.19 7.59
C VAL B 150 -15.52 1.90 8.91
N ASP B 151 -16.52 2.78 8.94
CA ASP B 151 -16.77 3.63 10.09
C ASP B 151 -15.49 4.34 10.52
N ASN B 152 -14.76 4.86 9.52
CA ASN B 152 -13.53 5.64 9.68
C ASN B 152 -12.32 4.82 10.11
N ALA B 153 -12.45 3.49 10.17
CA ALA B 153 -11.33 2.63 10.50
C ALA B 153 -10.64 2.17 9.22
N LEU B 154 -9.37 2.53 9.07
CA LEU B 154 -8.60 2.13 7.90
C LEU B 154 -8.42 0.62 7.87
N GLN B 155 -8.70 0.01 6.72
CA GLN B 155 -8.59 -1.43 6.55
C GLN B 155 -7.22 -1.81 6.03
N SER B 156 -6.73 -2.96 6.47
CA SER B 156 -5.43 -3.47 6.04
C SER B 156 -5.50 -4.98 5.90
N GLY B 157 -4.91 -5.48 4.82
CA GLY B 157 -4.81 -6.92 4.63
C GLY B 157 -6.12 -7.63 4.37
N ASN B 158 -7.20 -6.92 4.04
CA ASN B 158 -8.47 -7.56 3.74
C ASN B 158 -9.02 -7.10 2.39
N SER B 159 -8.12 -6.71 1.48
CA SER B 159 -8.55 -6.28 0.15
C SER B 159 -7.51 -6.71 -0.87
N GLN B 160 -7.97 -6.90 -2.12
CA GLN B 160 -7.11 -7.25 -3.24
C GLN B 160 -7.38 -6.31 -4.41
N GLU B 161 -6.34 -6.05 -5.19
CA GLU B 161 -6.43 -5.12 -6.32
C GLU B 161 -6.15 -5.85 -7.62
N SER B 162 -6.84 -5.43 -8.68
CA SER B 162 -6.61 -5.96 -10.02
C SER B 162 -6.58 -4.80 -10.99
N VAL B 163 -5.57 -4.78 -11.87
CA VAL B 163 -5.39 -3.71 -12.84
C VAL B 163 -5.41 -4.30 -14.24
N THR B 164 -6.15 -3.65 -15.13
CA THR B 164 -6.21 -4.10 -16.51
C THR B 164 -4.88 -3.82 -17.22
N GLU B 165 -4.72 -4.44 -18.38
CA GLU B 165 -3.66 -4.03 -19.28
C GLU B 165 -3.94 -2.62 -19.79
N GLN B 166 -2.90 -1.95 -20.28
CA GLN B 166 -3.08 -0.61 -20.83
C GLN B 166 -4.02 -0.68 -22.04
N ASP B 167 -5.03 0.18 -22.04
CA ASP B 167 -6.04 0.14 -23.09
C ASP B 167 -5.44 0.51 -24.44
N SER B 168 -5.69 -0.32 -25.46
CA SER B 168 -5.12 -0.10 -26.78
C SER B 168 -5.73 1.09 -27.50
N LYS B 169 -6.84 1.63 -27.00
CA LYS B 169 -7.53 2.75 -27.66
C LYS B 169 -7.19 4.09 -27.04
N ASP B 170 -7.30 4.22 -25.71
CA ASP B 170 -7.02 5.47 -25.01
C ASP B 170 -5.79 5.39 -24.12
N SER B 171 -5.12 4.24 -24.08
CA SER B 171 -3.86 4.07 -23.35
C SER B 171 -4.01 4.27 -21.84
N THR B 172 -5.22 4.13 -21.30
CA THR B 172 -5.43 4.27 -19.86
C THR B 172 -5.46 2.90 -19.20
N TYR B 173 -5.51 2.92 -17.87
CA TYR B 173 -5.66 1.75 -17.04
C TYR B 173 -6.94 1.87 -16.22
N SER B 174 -7.43 0.72 -15.74
CA SER B 174 -8.54 0.66 -14.81
C SER B 174 -8.18 -0.32 -13.70
N LEU B 175 -8.74 -0.08 -12.52
CA LEU B 175 -8.34 -0.82 -11.33
C LEU B 175 -9.56 -1.12 -10.48
N SER B 176 -9.57 -2.30 -9.87
CA SER B 176 -10.62 -2.72 -8.95
C SER B 176 -10.00 -3.07 -7.61
N SER B 177 -10.61 -2.56 -6.54
CA SER B 177 -10.25 -2.93 -5.17
C SER B 177 -11.45 -3.62 -4.54
N THR B 178 -11.24 -4.85 -4.08
CA THR B 178 -12.31 -5.68 -3.54
C THR B 178 -12.06 -5.92 -2.06
N LEU B 179 -12.90 -5.34 -1.21
CA LEU B 179 -12.83 -5.52 0.24
C LEU B 179 -13.76 -6.66 0.65
N THR B 180 -13.19 -7.69 1.25
CA THR B 180 -13.94 -8.88 1.65
C THR B 180 -14.10 -8.91 3.16
N LEU B 181 -15.34 -9.06 3.61
CA LEU B 181 -15.66 -9.18 5.02
C LEU B 181 -16.68 -10.29 5.21
N SER B 182 -16.85 -10.73 6.45
CA SER B 182 -17.93 -11.65 6.76
C SER B 182 -19.24 -10.88 6.86
N LYS B 183 -20.35 -11.61 6.75
CA LYS B 183 -21.65 -10.99 6.85
C LYS B 183 -21.85 -10.31 8.19
N ALA B 184 -21.55 -11.04 9.28
CA ALA B 184 -21.73 -10.48 10.62
C ALA B 184 -20.88 -9.23 10.81
N ASP B 185 -19.61 -9.27 10.39
CA ASP B 185 -18.77 -8.09 10.49
C ASP B 185 -19.32 -6.95 9.64
N TYR B 186 -19.87 -7.27 8.47
CA TYR B 186 -20.37 -6.24 7.59
C TYR B 186 -21.62 -5.58 8.15
N GLU B 187 -22.53 -6.37 8.73
CA GLU B 187 -23.80 -5.84 9.22
C GLU B 187 -23.66 -5.10 10.55
N LYS B 188 -22.46 -5.06 11.13
CA LYS B 188 -22.24 -4.34 12.38
C LYS B 188 -21.59 -2.98 12.15
N HIS B 189 -21.52 -2.51 10.90
CA HIS B 189 -20.96 -1.20 10.59
C HIS B 189 -21.80 -0.55 9.51
N LYS B 190 -21.81 0.79 9.52
CA LYS B 190 -22.70 1.57 8.67
C LYS B 190 -22.04 2.03 7.38
N VAL B 191 -20.98 2.83 7.48
CA VAL B 191 -20.47 3.61 6.35
C VAL B 191 -19.26 2.90 5.76
N TYR B 192 -19.34 2.57 4.48
CA TYR B 192 -18.25 1.98 3.72
C TYR B 192 -17.76 2.98 2.71
N ALA B 193 -16.46 3.29 2.75
CA ALA B 193 -15.90 4.40 1.99
C ALA B 193 -14.63 3.98 1.27
N CYS B 194 -14.48 4.48 0.05
CA CYS B 194 -13.31 4.24 -0.79
C CYS B 194 -12.70 5.60 -1.13
N GLU B 195 -11.47 5.83 -0.69
CA GLU B 195 -10.77 7.08 -0.96
C GLU B 195 -9.63 6.80 -1.94
N VAL B 196 -9.63 7.52 -3.05
CA VAL B 196 -8.68 7.31 -4.13
C VAL B 196 -7.76 8.52 -4.20
N THR B 197 -6.46 8.26 -4.31
CA THR B 197 -5.46 9.31 -4.50
C THR B 197 -4.78 9.05 -5.84
N HIS B 198 -4.89 10.01 -6.76
CA HIS B 198 -4.28 9.89 -8.07
C HIS B 198 -3.73 11.24 -8.51
N GLN B 199 -2.70 11.19 -9.35
CA GLN B 199 -2.03 12.41 -9.79
C GLN B 199 -2.98 13.37 -10.49
N GLY B 200 -3.97 12.85 -11.21
CA GLY B 200 -4.90 13.70 -11.92
C GLY B 200 -6.00 14.31 -11.08
N LEU B 201 -5.98 14.09 -9.77
CA LEU B 201 -7.01 14.58 -8.87
C LEU B 201 -6.41 15.66 -7.98
N SER B 202 -7.08 16.82 -7.92
CA SER B 202 -6.56 17.91 -7.09
C SER B 202 -6.49 17.51 -5.63
N SER B 203 -7.41 16.66 -5.17
CA SER B 203 -7.37 16.09 -3.83
C SER B 203 -7.95 14.69 -3.90
N PRO B 204 -7.67 13.85 -2.91
CA PRO B 204 -8.23 12.49 -2.93
C PRO B 204 -9.74 12.52 -2.96
N VAL B 205 -10.33 11.64 -3.76
CA VAL B 205 -11.77 11.55 -3.94
C VAL B 205 -12.29 10.38 -3.11
N THR B 206 -13.43 10.58 -2.45
CA THR B 206 -14.05 9.55 -1.64
C THR B 206 -15.42 9.20 -2.20
N LYS B 207 -15.63 7.92 -2.46
CA LYS B 207 -16.95 7.36 -2.72
C LYS B 207 -17.34 6.48 -1.53
N SER B 208 -18.60 6.52 -1.14
CA SER B 208 -19.03 5.80 0.04
C SER B 208 -20.52 5.55 -0.03
N PHE B 209 -20.99 4.69 0.88
CA PHE B 209 -22.42 4.41 1.02
C PHE B 209 -22.70 4.01 2.45
N ASN B 210 -23.96 4.17 2.85
CA ASN B 210 -24.42 3.77 4.17
C ASN B 210 -25.21 2.47 4.01
N ARG B 211 -24.71 1.40 4.62
CA ARG B 211 -25.36 0.09 4.48
C ARG B 211 -26.85 0.17 4.77
N GLY B 212 -27.22 0.87 5.84
CA GLY B 212 -28.63 1.01 6.18
C GLY B 212 -29.43 1.82 5.18
N GLU B 213 -28.80 2.84 4.59
CA GLU B 213 -29.50 3.72 3.67
C GLU B 213 -29.14 3.44 2.22
N CYS B 214 -29.12 2.16 1.85
CA CYS B 214 -28.71 1.76 0.50
C CYS B 214 -29.67 0.74 -0.10
N GLU C 1 -7.12 32.90 33.00
CA GLU C 1 -7.30 32.10 31.80
C GLU C 1 -7.71 30.68 32.15
N VAL C 2 -8.57 30.09 31.31
CA VAL C 2 -9.00 28.71 31.56
C VAL C 2 -7.80 27.78 31.48
N GLN C 3 -7.67 26.91 32.47
CA GLN C 3 -6.54 26.00 32.59
C GLN C 3 -7.03 24.60 32.90
N LEU C 4 -6.54 23.62 32.14
CA LEU C 4 -6.80 22.21 32.39
C LEU C 4 -5.49 21.45 32.21
N VAL C 5 -5.05 20.78 33.27
CA VAL C 5 -3.74 20.11 33.27
C VAL C 5 -3.97 18.64 33.64
N GLU C 6 -3.98 17.77 32.63
CA GLU C 6 -4.10 16.34 32.88
C GLU C 6 -2.78 15.80 33.43
N SER C 7 -2.89 14.74 34.24
CA SER C 7 -1.72 14.08 34.80
C SER C 7 -2.09 12.63 35.10
N GLY C 8 -1.08 11.86 35.48
CA GLY C 8 -1.27 10.48 35.84
C GLY C 8 -0.94 9.48 34.75
N GLY C 9 -0.81 9.94 33.50
CA GLY C 9 -0.45 9.02 32.43
C GLY C 9 0.87 8.33 32.69
N GLY C 10 1.09 7.24 31.97
CA GLY C 10 2.31 6.48 32.10
C GLY C 10 2.17 5.13 31.44
N VAL C 11 3.17 4.28 31.68
CA VAL C 11 3.16 2.92 31.17
C VAL C 11 2.50 2.02 32.21
N VAL C 12 1.44 1.32 31.81
CA VAL C 12 0.69 0.44 32.69
C VAL C 12 0.49 -0.90 32.00
N GLN C 13 0.64 -1.97 32.77
CA GLN C 13 0.54 -3.31 32.20
C GLN C 13 -0.92 -3.64 31.85
N PRO C 14 -1.14 -4.40 30.79
CA PRO C 14 -2.51 -4.79 30.44
C PRO C 14 -3.21 -5.46 31.61
N GLY C 15 -4.48 -5.10 31.81
CA GLY C 15 -5.24 -5.62 32.92
C GLY C 15 -5.14 -4.84 34.21
N ARG C 16 -4.14 -3.97 34.35
CA ARG C 16 -4.00 -3.16 35.55
C ARG C 16 -4.99 -1.99 35.50
N SER C 17 -5.06 -1.28 36.64
CA SER C 17 -5.93 -0.12 36.77
C SER C 17 -5.08 1.14 36.93
N LEU C 18 -5.54 2.23 36.34
CA LEU C 18 -4.84 3.51 36.41
C LEU C 18 -5.86 4.62 36.62
N ARG C 19 -5.42 5.67 37.31
CA ARG C 19 -6.28 6.81 37.63
C ARG C 19 -5.71 8.08 37.00
N LEU C 20 -6.43 8.62 36.03
CA LEU C 20 -6.10 9.91 35.44
C LEU C 20 -6.85 11.02 36.16
N SER C 21 -6.20 12.16 36.32
CA SER C 21 -6.83 13.32 36.93
C SER C 21 -6.64 14.54 36.04
N CYS C 22 -7.49 15.53 36.25
CA CYS C 22 -7.47 16.77 35.47
C CYS C 22 -7.66 17.93 36.43
N ALA C 23 -6.64 18.78 36.56
CA ALA C 23 -6.70 19.94 37.43
C ALA C 23 -7.20 21.14 36.65
N ALA C 24 -8.31 21.72 37.09
CA ALA C 24 -8.93 22.86 36.43
C ALA C 24 -8.69 24.12 37.25
N SER C 25 -8.43 25.23 36.55
CA SER C 25 -8.29 26.52 37.20
C SER C 25 -8.75 27.60 36.23
N GLY C 26 -9.04 28.78 36.77
CA GLY C 26 -9.46 29.90 35.97
C GLY C 26 -10.95 30.07 35.81
N PHE C 27 -11.76 29.11 36.29
CA PHE C 27 -13.20 29.22 36.16
C PHE C 27 -13.86 28.45 37.31
N THR C 28 -15.18 28.57 37.40
CA THR C 28 -15.96 27.90 38.42
C THR C 28 -16.15 26.45 37.99
N PHE C 29 -15.27 25.57 38.46
CA PHE C 29 -15.26 24.19 38.00
C PHE C 29 -16.59 23.49 38.28
N SER C 30 -17.15 23.72 39.46
CA SER C 30 -18.39 23.05 39.86
C SER C 30 -19.60 23.48 39.03
N SER C 31 -19.44 24.41 38.09
CA SER C 31 -20.56 24.89 37.29
C SER C 31 -20.58 24.33 35.88
N TYR C 32 -19.58 23.54 35.49
CA TYR C 32 -19.44 23.04 34.14
C TYR C 32 -19.35 21.52 34.12
N GLY C 33 -19.94 20.91 33.10
CA GLY C 33 -19.66 19.50 32.82
C GLY C 33 -18.31 19.31 32.19
N MET C 34 -17.84 18.06 32.20
CA MET C 34 -16.51 17.73 31.73
C MET C 34 -16.54 16.42 30.95
N HIS C 35 -15.75 16.37 29.88
CA HIS C 35 -15.59 15.18 29.06
C HIS C 35 -14.16 14.65 29.17
N TRP C 36 -14.01 13.36 28.87
CA TRP C 36 -12.71 12.76 28.60
C TRP C 36 -12.67 12.34 27.14
N VAL C 37 -11.63 12.76 26.42
CA VAL C 37 -11.42 12.38 25.04
C VAL C 37 -9.99 11.88 24.90
N ARG C 38 -9.80 10.83 24.10
CA ARG C 38 -8.49 10.25 23.91
C ARG C 38 -8.12 10.25 22.43
N GLN C 39 -6.83 10.18 22.17
CA GLN C 39 -6.30 10.19 20.81
C GLN C 39 -5.26 9.08 20.70
N ALA C 40 -5.67 7.94 20.14
CA ALA C 40 -4.73 6.86 19.86
C ALA C 40 -3.68 7.32 18.87
N PRO C 41 -2.54 6.65 18.81
CA PRO C 41 -1.48 7.07 17.88
C PRO C 41 -1.93 6.93 16.44
N GLY C 42 -1.90 8.04 15.71
CA GLY C 42 -2.26 8.06 14.31
C GLY C 42 -3.74 8.13 14.02
N LYS C 43 -4.60 8.17 15.03
CA LYS C 43 -6.04 8.16 14.85
C LYS C 43 -6.65 9.47 15.31
N GLU C 44 -7.90 9.67 14.93
CA GLU C 44 -8.62 10.87 15.31
C GLU C 44 -9.03 10.79 16.78
N LEU C 45 -9.60 11.88 17.28
CA LEU C 45 -10.09 11.91 18.65
C LEU C 45 -11.21 10.89 18.82
N GLU C 46 -11.27 10.30 20.01
CA GLU C 46 -12.35 9.39 20.38
C GLU C 46 -12.91 9.83 21.72
N TRP C 47 -14.21 10.13 21.76
CA TRP C 47 -14.86 10.52 23.00
C TRP C 47 -14.87 9.34 23.97
N VAL C 48 -14.74 9.65 25.26
CA VAL C 48 -14.62 8.61 26.26
C VAL C 48 -15.79 8.63 27.23
N ALA C 49 -15.97 9.75 27.94
CA ALA C 49 -16.99 9.83 28.96
C ALA C 49 -17.32 11.29 29.25
N VAL C 50 -18.50 11.51 29.83
CA VAL C 50 -18.95 12.84 30.22
C VAL C 50 -19.49 12.74 31.64
N ILE C 51 -19.57 13.90 32.29
CA ILE C 51 -20.07 13.99 33.67
C ILE C 51 -20.65 15.38 33.88
N SER C 52 -21.83 15.42 34.49
CA SER C 52 -22.52 16.67 34.76
C SER C 52 -21.77 17.47 35.84
N TYR C 53 -22.15 18.74 35.98
CA TYR C 53 -21.43 19.63 36.90
C TYR C 53 -21.47 19.11 38.32
N ASP C 54 -22.61 18.53 38.74
CA ASP C 54 -22.74 18.01 40.08
C ASP C 54 -22.35 16.54 40.19
N GLY C 55 -21.97 15.91 39.08
CA GLY C 55 -21.50 14.53 39.10
C GLY C 55 -22.58 13.48 39.18
N SER C 56 -23.84 13.83 38.95
CA SER C 56 -24.92 12.86 39.09
C SER C 56 -25.17 12.05 37.82
N ILE C 57 -24.84 12.60 36.66
CA ILE C 57 -25.09 11.94 35.38
C ILE C 57 -23.76 11.61 34.72
N LYS C 58 -23.60 10.34 34.33
CA LYS C 58 -22.35 9.87 33.74
C LYS C 58 -22.69 9.01 32.53
N TYR C 59 -22.08 9.32 31.39
CA TYR C 59 -22.22 8.51 30.18
C TYR C 59 -20.84 8.10 29.68
N TYR C 60 -20.76 6.90 29.11
CA TYR C 60 -19.49 6.34 28.68
C TYR C 60 -19.60 5.84 27.25
N ALA C 61 -18.45 5.86 26.55
CA ALA C 61 -18.37 5.21 25.26
C ALA C 61 -18.44 3.69 25.41
N ASP C 62 -19.05 3.04 24.42
CA ASP C 62 -19.24 1.59 24.50
C ASP C 62 -17.91 0.88 24.71
N SER C 63 -16.85 1.33 24.04
CA SER C 63 -15.56 0.65 24.13
C SER C 63 -14.95 0.72 25.53
N VAL C 64 -15.42 1.62 26.39
CA VAL C 64 -14.92 1.72 27.76
C VAL C 64 -16.00 1.51 28.81
N LYS C 65 -17.27 1.36 28.42
CA LYS C 65 -18.34 1.14 29.38
C LYS C 65 -18.11 -0.16 30.14
N GLY C 66 -18.29 -0.11 31.46
CA GLY C 66 -18.06 -1.26 32.31
C GLY C 66 -16.66 -1.37 32.88
N ARG C 67 -15.69 -0.66 32.28
CA ARG C 67 -14.31 -0.66 32.74
C ARG C 67 -13.87 0.68 33.29
N PHE C 68 -14.21 1.79 32.63
CA PHE C 68 -13.84 3.12 33.09
C PHE C 68 -14.92 3.71 33.97
N THR C 69 -14.50 4.54 34.92
CA THR C 69 -15.40 5.29 35.77
C THR C 69 -14.96 6.74 35.80
N ILE C 70 -15.88 7.65 35.48
CA ILE C 70 -15.60 9.08 35.52
C ILE C 70 -16.17 9.65 36.82
N SER C 71 -15.41 10.56 37.44
CA SER C 71 -15.84 11.20 38.67
C SER C 71 -15.19 12.57 38.76
N ARG C 72 -15.66 13.35 39.72
CA ARG C 72 -15.13 14.70 39.91
C ARG C 72 -15.20 15.08 41.38
N ASP C 73 -14.30 15.95 41.79
CA ASP C 73 -14.24 16.50 43.14
C ASP C 73 -14.31 18.01 42.99
N ASN C 74 -15.51 18.57 43.09
CA ASN C 74 -15.67 20.00 42.88
C ASN C 74 -14.94 20.81 43.96
N SER C 75 -14.72 20.22 45.13
CA SER C 75 -13.97 20.92 46.17
C SER C 75 -12.48 20.97 45.86
N LYS C 76 -12.00 20.11 44.97
CA LYS C 76 -10.60 20.10 44.56
C LYS C 76 -10.40 20.59 43.13
N ASN C 77 -11.46 20.99 42.43
CA ASN C 77 -11.37 21.40 41.04
C ASN C 77 -10.63 20.36 40.21
N THR C 78 -10.89 19.09 40.49
CA THR C 78 -10.20 17.99 39.85
C THR C 78 -11.20 17.03 39.23
N LEU C 79 -11.00 16.72 37.96
CA LEU C 79 -11.76 15.68 37.26
C LEU C 79 -10.95 14.40 37.23
N TYR C 80 -11.63 13.26 37.32
CA TYR C 80 -10.96 11.97 37.39
C TYR C 80 -11.44 11.05 36.27
N LEU C 81 -10.59 10.07 35.94
CA LEU C 81 -10.95 8.95 35.08
C LEU C 81 -10.25 7.72 35.62
N GLN C 82 -11.02 6.79 36.19
CA GLN C 82 -10.47 5.52 36.67
C GLN C 82 -10.59 4.49 35.55
N MET C 83 -9.45 3.97 35.11
CA MET C 83 -9.38 2.99 34.04
C MET C 83 -9.02 1.64 34.62
N ASN C 84 -9.93 0.68 34.52
CA ASN C 84 -9.70 -0.68 34.97
C ASN C 84 -9.55 -1.61 33.77
N SER C 85 -8.88 -2.74 33.99
CA SER C 85 -8.73 -3.78 32.98
C SER C 85 -8.22 -3.19 31.66
N LEU C 86 -7.15 -2.40 31.77
CA LEU C 86 -6.63 -1.68 30.62
C LEU C 86 -6.20 -2.63 29.52
N ARG C 87 -6.53 -2.27 28.27
CA ARG C 87 -6.18 -3.04 27.09
C ARG C 87 -5.19 -2.25 26.24
N ALA C 88 -4.52 -2.97 25.33
CA ALA C 88 -3.61 -2.31 24.40
C ALA C 88 -4.34 -1.23 23.59
N GLU C 89 -5.60 -1.48 23.23
CA GLU C 89 -6.36 -0.48 22.48
C GLU C 89 -6.53 0.82 23.25
N ASP C 90 -6.40 0.78 24.58
CA ASP C 90 -6.58 1.97 25.40
C ASP C 90 -5.37 2.90 25.37
N THR C 91 -4.29 2.51 24.70
CA THR C 91 -3.16 3.41 24.53
C THR C 91 -3.58 4.64 23.74
N ALA C 92 -3.24 5.82 24.28
CA ALA C 92 -3.61 7.07 23.62
C ALA C 92 -3.25 8.27 24.51
N VAL C 93 -3.29 9.47 23.94
CA VAL C 93 -3.24 10.69 24.72
C VAL C 93 -4.65 10.97 25.23
N TYR C 94 -4.80 11.03 26.55
CA TYR C 94 -6.10 11.27 27.15
C TYR C 94 -6.26 12.77 27.44
N TYR C 95 -7.25 13.38 26.82
CA TYR C 95 -7.48 14.81 26.93
C TYR C 95 -8.61 15.11 27.91
N CYS C 96 -8.53 16.28 28.51
CA CYS C 96 -9.53 16.79 29.43
C CYS C 96 -10.23 17.96 28.76
N ALA C 97 -11.55 17.92 28.69
CA ALA C 97 -12.32 18.93 27.95
C ALA C 97 -13.50 19.43 28.78
N ARG C 98 -13.68 20.75 28.78
CA ARG C 98 -14.81 21.40 29.41
C ARG C 98 -15.85 21.78 28.37
N THR C 99 -17.12 21.66 28.73
CA THR C 99 -18.22 21.98 27.82
C THR C 99 -19.15 23.01 28.47
N GLY C 100 -19.89 23.71 27.64
CA GLY C 100 -20.79 24.76 28.12
C GLY C 100 -22.14 24.70 27.46
N GLU C 101 -23.19 24.98 28.25
CA GLU C 101 -24.55 25.08 27.75
C GLU C 101 -25.47 25.76 28.77
N PRO C 109 -16.89 29.52 24.57
CA PRO C 109 -16.05 28.37 24.21
C PRO C 109 -16.76 27.04 24.45
N GLN C 110 -17.36 26.47 23.40
CA GLN C 110 -18.13 25.25 23.57
C GLN C 110 -17.30 24.14 24.19
N TYR C 111 -16.05 24.00 23.76
CA TYR C 111 -15.15 22.99 24.32
C TYR C 111 -13.76 23.58 24.51
N SER C 112 -13.21 23.41 25.71
CA SER C 112 -11.87 23.87 26.06
C SER C 112 -11.06 22.67 26.53
N TRP C 113 -9.90 22.46 25.91
CA TRP C 113 -9.11 21.25 26.09
C TRP C 113 -7.81 21.54 26.82
N GLY C 114 -7.34 20.55 27.59
CA GLY C 114 -6.02 20.58 28.14
C GLY C 114 -4.99 19.98 27.20
N GLN C 115 -3.74 19.94 27.66
CA GLN C 115 -2.67 19.41 26.83
C GLN C 115 -2.65 17.90 26.79
N GLY C 116 -3.35 17.24 27.71
CA GLY C 116 -3.46 15.79 27.71
C GLY C 116 -2.31 15.10 28.42
N THR C 117 -2.51 13.82 28.69
CA THR C 117 -1.53 12.98 29.34
C THR C 117 -1.53 11.62 28.63
N THR C 118 -0.34 11.05 28.45
CA THR C 118 -0.17 9.86 27.63
C THR C 118 -0.30 8.61 28.47
N VAL C 119 -1.04 7.63 27.94
CA VAL C 119 -1.20 6.34 28.57
C VAL C 119 -0.76 5.27 27.58
N THR C 120 0.14 4.40 28.03
CA THR C 120 0.67 3.32 27.20
C THR C 120 0.44 2.00 27.91
N VAL C 121 -0.38 1.13 27.30
CA VAL C 121 -0.66 -0.19 27.83
C VAL C 121 0.27 -1.17 27.13
N SER C 122 1.16 -1.80 27.90
CA SER C 122 2.17 -2.67 27.31
C SER C 122 2.80 -3.51 28.42
N SER C 123 3.21 -4.72 28.05
CA SER C 123 3.98 -5.58 28.93
C SER C 123 5.48 -5.33 28.83
N ALA C 124 5.90 -4.42 27.96
CA ALA C 124 7.32 -4.18 27.77
C ALA C 124 7.97 -3.65 29.04
N SER C 125 9.23 -4.00 29.23
CA SER C 125 10.04 -3.46 30.31
C SER C 125 10.91 -2.34 29.76
N THR C 126 11.13 -1.31 30.58
CA THR C 126 12.00 -0.21 30.19
C THR C 126 13.33 -0.74 29.69
N LYS C 127 13.71 -0.29 28.49
CA LYS C 127 14.91 -0.82 27.84
C LYS C 127 15.57 0.29 27.02
N GLY C 128 16.88 0.45 27.19
CA GLY C 128 17.64 1.39 26.41
C GLY C 128 17.78 0.94 24.97
N PRO C 129 18.00 1.89 24.07
CA PRO C 129 18.06 1.55 22.65
C PRO C 129 19.43 1.05 22.23
N SER C 130 19.43 0.21 21.18
CA SER C 130 20.65 -0.17 20.50
C SER C 130 20.88 0.80 19.34
N VAL C 131 22.07 1.38 19.30
CA VAL C 131 22.42 2.38 18.30
C VAL C 131 23.37 1.76 17.29
N PHE C 132 22.93 1.65 16.04
CA PHE C 132 23.74 1.10 14.98
C PHE C 132 23.98 2.15 13.88
N PRO C 133 25.15 2.14 13.25
CA PRO C 133 25.43 3.11 12.20
C PRO C 133 24.75 2.75 10.89
N LEU C 134 24.48 3.77 10.09
CA LEU C 134 23.88 3.62 8.77
C LEU C 134 24.85 4.22 7.75
N ALA C 135 25.61 3.36 7.09
CA ALA C 135 26.58 3.77 6.09
C ALA C 135 26.39 2.96 4.81
N PRO C 136 26.64 3.57 3.66
CA PRO C 136 26.38 2.88 2.38
C PRO C 136 27.33 1.72 2.15
N CYS C 137 26.98 0.92 1.13
CA CYS C 137 27.79 -0.23 0.72
C CYS C 137 27.57 -1.42 1.66
N GLU C 143 28.92 11.12 -7.50
CA GLU C 143 27.71 11.50 -6.76
C GLU C 143 28.04 12.46 -5.63
N SER C 144 27.49 13.67 -5.69
CA SER C 144 27.82 14.72 -4.74
C SER C 144 27.26 14.47 -3.35
N THR C 145 25.94 14.60 -3.20
CA THR C 145 25.36 14.46 -1.87
C THR C 145 25.53 13.02 -1.38
N ALA C 146 25.85 12.88 -0.09
CA ALA C 146 25.93 11.59 0.58
C ALA C 146 24.95 11.56 1.75
N ALA C 147 24.73 10.36 2.29
CA ALA C 147 23.77 10.18 3.36
C ALA C 147 24.33 9.23 4.42
N LEU C 148 24.18 9.63 5.69
CA LEU C 148 24.57 8.81 6.82
C LEU C 148 23.48 8.90 7.88
N GLY C 149 23.53 8.01 8.86
CA GLY C 149 22.51 8.06 9.89
C GLY C 149 22.82 7.15 11.06
N CYS C 150 21.80 6.95 11.89
CA CYS C 150 21.86 6.08 13.06
C CYS C 150 20.54 5.35 13.22
N LEU C 151 20.63 4.07 13.58
CA LEU C 151 19.46 3.22 13.80
C LEU C 151 19.31 3.02 15.31
N VAL C 152 18.26 3.62 15.87
CA VAL C 152 17.98 3.52 17.30
C VAL C 152 16.92 2.42 17.45
N LYS C 153 17.37 1.23 17.83
CA LYS C 153 16.54 0.03 17.77
C LYS C 153 16.29 -0.53 19.17
N ASP C 154 15.11 -1.12 19.34
CA ASP C 154 14.74 -1.90 20.52
C ASP C 154 14.90 -1.10 21.81
N TYR C 155 14.05 -0.07 21.94
CA TYR C 155 13.99 0.69 23.16
C TYR C 155 12.53 0.82 23.59
N PHE C 156 12.33 1.17 24.87
CA PHE C 156 11.00 1.31 25.41
C PHE C 156 11.07 2.04 26.74
N PRO C 157 10.15 2.96 27.02
CA PRO C 157 9.12 3.43 26.09
C PRO C 157 9.55 4.71 25.39
N GLU C 158 8.61 5.39 24.71
CA GLU C 158 8.94 6.66 24.11
C GLU C 158 9.28 7.68 25.19
N PRO C 159 10.08 8.71 24.87
CA PRO C 159 10.68 8.92 23.55
C PRO C 159 12.19 8.81 23.56
N VAL C 160 12.81 9.05 22.41
CA VAL C 160 14.26 9.24 22.30
C VAL C 160 14.50 10.50 21.50
N THR C 161 15.54 11.24 21.86
CA THR C 161 15.97 12.42 21.13
C THR C 161 17.35 12.15 20.54
N VAL C 162 17.55 12.59 19.30
CA VAL C 162 18.79 12.34 18.57
C VAL C 162 19.31 13.67 18.05
N SER C 163 20.53 14.01 18.43
CA SER C 163 21.24 15.16 17.88
C SER C 163 22.43 14.66 17.05
N TRP C 164 23.06 15.59 16.35
CA TRP C 164 24.20 15.27 15.52
C TRP C 164 25.34 16.22 15.85
N ASN C 165 26.52 15.65 16.14
CA ASN C 165 27.68 16.43 16.54
C ASN C 165 27.32 17.35 17.71
N SER C 166 26.58 16.79 18.67
CA SER C 166 26.21 17.51 19.89
C SER C 166 25.37 18.75 19.58
N GLY C 167 24.56 18.69 18.52
CA GLY C 167 23.70 19.80 18.16
C GLY C 167 24.33 20.79 17.20
N ALA C 168 25.63 20.68 16.93
CA ALA C 168 26.27 21.54 15.94
C ALA C 168 25.81 21.26 14.52
N LEU C 169 25.17 20.12 14.28
CA LEU C 169 24.65 19.77 12.97
C LEU C 169 23.15 19.58 13.07
N THR C 170 22.38 20.39 12.32
CA THR C 170 20.93 20.33 12.27
C THR C 170 20.38 20.38 10.86
N SER C 171 21.00 21.13 9.95
CA SER C 171 20.51 21.20 8.59
C SER C 171 20.61 19.83 7.93
N GLY C 172 19.55 19.44 7.22
CA GLY C 172 19.53 18.18 6.50
C GLY C 172 19.23 16.96 7.35
N VAL C 173 19.02 17.12 8.65
CA VAL C 173 18.78 16.01 9.56
C VAL C 173 17.30 15.65 9.52
N HIS C 174 17.01 14.35 9.50
CA HIS C 174 15.64 13.82 9.55
C HIS C 174 15.60 12.71 10.59
N THR C 175 14.90 12.95 11.70
CA THR C 175 14.71 11.93 12.73
C THR C 175 13.29 11.41 12.59
N PHE C 176 13.16 10.16 12.12
CA PHE C 176 11.85 9.64 11.74
C PHE C 176 11.05 9.27 12.99
N PRO C 177 9.73 9.44 12.96
CA PRO C 177 8.91 8.97 14.09
C PRO C 177 9.17 7.50 14.35
N ALA C 178 9.21 7.13 15.62
CA ALA C 178 9.40 5.74 15.97
C ALA C 178 8.24 4.90 15.46
N VAL C 179 8.54 3.64 15.17
CA VAL C 179 7.50 2.66 14.84
C VAL C 179 7.51 1.61 15.95
N LEU C 180 6.34 1.05 16.21
CA LEU C 180 6.19 0.00 17.21
C LEU C 180 6.42 -1.35 16.53
N GLN C 181 7.42 -2.08 17.01
CA GLN C 181 7.79 -3.36 16.42
C GLN C 181 6.95 -4.48 17.03
N SER C 182 6.97 -5.64 16.35
CA SER C 182 6.22 -6.78 16.84
C SER C 182 6.62 -7.15 18.26
N SER C 183 7.87 -6.92 18.63
CA SER C 183 8.39 -7.27 19.94
C SER C 183 7.86 -6.37 21.04
N GLY C 184 7.09 -5.34 20.71
CA GLY C 184 6.63 -4.37 21.69
C GLY C 184 7.59 -3.23 21.93
N LEU C 185 8.81 -3.31 21.42
CA LEU C 185 9.78 -2.23 21.55
C LEU C 185 9.66 -1.27 20.37
N TYR C 186 10.17 -0.06 20.57
CA TYR C 186 10.16 0.97 19.53
C TYR C 186 11.50 1.01 18.81
N SER C 187 11.47 1.57 17.61
CA SER C 187 12.66 1.68 16.80
C SER C 187 12.49 2.83 15.81
N LEU C 188 13.58 3.58 15.60
CA LEU C 188 13.57 4.69 14.66
C LEU C 188 14.96 4.82 14.06
N SER C 189 15.06 5.70 13.06
CA SER C 189 16.33 6.04 12.44
C SER C 189 16.45 7.54 12.35
N SER C 190 17.70 8.02 12.39
CA SER C 190 18.00 9.43 12.18
C SER C 190 19.08 9.52 11.11
N VAL C 191 18.82 10.32 10.07
CA VAL C 191 19.72 10.41 8.93
C VAL C 191 19.99 11.88 8.64
N VAL C 192 21.08 12.12 7.92
CA VAL C 192 21.47 13.46 7.50
C VAL C 192 22.26 13.34 6.20
N THR C 193 21.94 14.21 5.24
CA THR C 193 22.69 14.27 4.00
C THR C 193 23.78 15.33 4.10
N VAL C 194 24.93 15.03 3.54
CA VAL C 194 26.09 15.92 3.59
C VAL C 194 26.72 15.99 2.22
N PRO C 195 27.46 17.06 1.93
CA PRO C 195 28.23 17.13 0.68
C PRO C 195 29.41 16.15 0.72
N SER C 196 29.50 15.30 -0.30
CA SER C 196 30.59 14.33 -0.37
C SER C 196 31.93 15.04 -0.57
N LYS C 202 35.61 14.83 7.25
CA LYS C 202 34.75 15.39 8.28
C LYS C 202 34.21 14.31 9.22
N THR C 203 34.00 14.68 10.48
CA THR C 203 33.54 13.76 11.51
C THR C 203 32.04 13.91 11.72
N TYR C 204 31.36 12.78 11.90
CA TYR C 204 29.90 12.77 12.06
C TYR C 204 29.52 11.80 13.16
N THR C 205 28.85 12.32 14.20
CA THR C 205 28.48 11.52 15.36
C THR C 205 27.06 11.86 15.77
N CYS C 206 26.20 10.85 15.83
CA CYS C 206 24.83 11.02 16.31
C CYS C 206 24.80 10.82 17.83
N ASN C 207 23.96 11.61 18.49
CA ASN C 207 23.83 11.59 19.94
C ASN C 207 22.41 11.15 20.29
N VAL C 208 22.29 9.97 20.87
CA VAL C 208 20.98 9.40 21.22
C VAL C 208 20.74 9.59 22.71
N ASP C 209 19.53 10.01 23.06
CA ASP C 209 19.14 10.28 24.44
C ASP C 209 17.82 9.60 24.71
N HIS C 210 17.79 8.73 25.72
CA HIS C 210 16.57 8.02 26.12
C HIS C 210 16.36 8.22 27.61
N LYS C 211 15.54 9.22 27.96
CA LYS C 211 15.33 9.55 29.37
C LYS C 211 14.83 8.38 30.22
N PRO C 212 13.86 7.57 29.79
CA PRO C 212 13.30 6.57 30.70
C PRO C 212 14.31 5.60 31.28
N SER C 213 15.38 5.28 30.56
CA SER C 213 16.39 4.33 31.05
C SER C 213 17.67 5.02 31.47
N ASN C 214 17.71 6.35 31.46
CA ASN C 214 18.92 7.10 31.78
C ASN C 214 20.08 6.65 30.90
N THR C 215 19.79 6.50 29.61
CA THR C 215 20.76 6.08 28.61
C THR C 215 21.15 7.28 27.76
N LYS C 216 22.45 7.44 27.52
CA LYS C 216 22.96 8.51 26.66
C LYS C 216 24.14 7.94 25.88
N VAL C 217 24.02 7.94 24.55
CA VAL C 217 24.97 7.25 23.69
C VAL C 217 25.43 8.19 22.60
N ASP C 218 26.74 8.22 22.36
CA ASP C 218 27.34 8.89 21.22
C ASP C 218 27.94 7.83 20.30
N LYS C 219 27.56 7.87 19.03
CA LYS C 219 28.02 6.90 18.04
C LYS C 219 28.55 7.65 16.84
N ARG C 220 29.82 7.42 16.50
CA ARG C 220 30.39 7.98 15.28
C ARG C 220 30.01 7.11 14.08
N VAL C 221 29.96 7.74 12.91
CA VAL C 221 29.60 7.07 11.67
C VAL C 221 30.76 7.21 10.70
N HIS C 222 31.20 6.09 10.12
CA HIS C 222 32.30 6.10 9.17
C HIS C 222 31.86 5.53 7.83
N GLN D 3 9.76 -24.89 -35.03
CA GLN D 3 8.48 -25.15 -34.39
C GLN D 3 8.65 -25.99 -33.10
N LEU D 4 8.13 -25.46 -32.01
CA LEU D 4 8.14 -26.14 -30.71
C LEU D 4 6.74 -26.09 -30.14
N VAL D 5 6.19 -27.26 -29.81
CA VAL D 5 4.83 -27.39 -29.31
C VAL D 5 4.87 -28.18 -28.01
N GLU D 6 4.65 -27.52 -26.89
CA GLU D 6 4.60 -28.19 -25.60
C GLU D 6 3.22 -28.84 -25.40
N SER D 7 3.14 -29.69 -24.39
CA SER D 7 1.90 -30.40 -24.06
C SER D 7 2.08 -31.07 -22.71
N GLY D 8 0.96 -31.48 -22.12
CA GLY D 8 0.96 -32.18 -20.85
C GLY D 8 0.54 -31.35 -19.66
N GLY D 9 0.46 -30.03 -19.80
CA GLY D 9 0.06 -29.19 -18.68
C GLY D 9 -1.36 -29.47 -18.23
N GLY D 10 -1.68 -28.98 -17.04
CA GLY D 10 -3.00 -29.16 -16.49
C GLY D 10 -2.99 -28.92 -14.99
N VAL D 11 -4.11 -29.28 -14.37
CA VAL D 11 -4.30 -29.14 -12.93
C VAL D 11 -3.90 -30.44 -12.25
N VAL D 12 -3.05 -30.33 -11.21
CA VAL D 12 -2.58 -31.48 -10.46
C VAL D 12 -2.53 -31.12 -8.99
N GLN D 13 -2.97 -32.05 -8.14
CA GLN D 13 -2.92 -31.83 -6.70
C GLN D 13 -1.48 -31.83 -6.21
N PRO D 14 -1.18 -31.06 -5.16
CA PRO D 14 0.20 -31.00 -4.65
C PRO D 14 0.70 -32.38 -4.26
N GLY D 15 1.97 -32.63 -4.56
CA GLY D 15 2.58 -33.91 -4.26
C GLY D 15 2.40 -34.96 -5.32
N ARG D 16 1.51 -34.75 -6.28
CA ARG D 16 1.29 -35.69 -7.36
C ARG D 16 2.32 -35.46 -8.46
N SER D 17 2.25 -36.27 -9.52
CA SER D 17 3.24 -36.22 -10.59
C SER D 17 2.60 -35.70 -11.88
N LEU D 18 3.46 -35.15 -12.73
CA LEU D 18 3.06 -34.67 -14.05
C LEU D 18 4.28 -34.69 -14.97
N ARG D 19 4.04 -34.91 -16.25
CA ARG D 19 5.10 -34.99 -17.24
C ARG D 19 4.73 -34.14 -18.45
N LEU D 20 5.67 -33.31 -18.88
CA LEU D 20 5.47 -32.40 -19.99
C LEU D 20 6.24 -32.87 -21.22
N SER D 21 5.72 -32.54 -22.39
CA SER D 21 6.33 -32.91 -23.65
C SER D 21 6.51 -31.67 -24.53
N CYS D 22 7.38 -31.80 -25.53
CA CYS D 22 7.66 -30.72 -26.46
C CYS D 22 8.00 -31.31 -27.81
N ALA D 23 7.16 -31.02 -28.81
CA ALA D 23 7.34 -31.55 -30.15
C ALA D 23 8.14 -30.57 -30.99
N ALA D 24 9.32 -30.99 -31.43
CA ALA D 24 10.20 -30.16 -32.24
C ALA D 24 10.08 -30.56 -33.71
N SER D 25 10.04 -29.57 -34.58
CA SER D 25 9.91 -29.82 -36.01
C SER D 25 10.62 -28.71 -36.78
N GLY D 26 11.04 -29.07 -37.99
CA GLY D 26 11.71 -28.11 -38.85
C GLY D 26 13.19 -28.41 -39.04
N PHE D 27 13.95 -28.43 -37.95
CA PHE D 27 15.40 -28.56 -38.01
C PHE D 27 15.88 -29.74 -37.18
N THR D 28 17.15 -30.09 -37.38
CA THR D 28 17.78 -31.23 -36.71
C THR D 28 17.68 -31.10 -35.20
N PHE D 29 16.80 -31.92 -34.59
CA PHE D 29 16.58 -31.84 -33.15
C PHE D 29 17.70 -32.49 -32.35
N SER D 30 18.31 -33.55 -32.88
CA SER D 30 19.34 -34.28 -32.15
C SER D 30 20.69 -33.58 -32.17
N SER D 31 20.79 -32.41 -32.77
CA SER D 31 22.06 -31.69 -32.87
C SER D 31 22.13 -30.48 -31.94
N TYR D 32 21.07 -30.18 -31.20
CA TYR D 32 21.02 -29.00 -30.34
C TYR D 32 20.53 -29.38 -28.95
N GLY D 33 20.98 -28.62 -27.96
CA GLY D 33 20.51 -28.82 -26.61
C GLY D 33 19.19 -28.12 -26.35
N MET D 34 18.50 -28.57 -25.30
CA MET D 34 17.17 -28.08 -24.98
C MET D 34 17.09 -27.66 -23.52
N HIS D 35 16.34 -26.59 -23.27
CA HIS D 35 16.08 -26.09 -21.94
C HIS D 35 14.60 -26.24 -21.59
N TRP D 36 14.32 -26.17 -20.29
CA TRP D 36 12.96 -26.03 -19.79
C TRP D 36 12.90 -24.77 -18.95
N VAL D 37 12.02 -23.84 -19.33
CA VAL D 37 11.89 -22.56 -18.65
C VAL D 37 10.42 -22.33 -18.35
N ARG D 38 10.12 -21.99 -17.10
CA ARG D 38 8.76 -21.72 -16.66
C ARG D 38 8.65 -20.26 -16.24
N GLN D 39 7.42 -19.74 -16.29
CA GLN D 39 7.14 -18.36 -15.89
C GLN D 39 5.92 -18.36 -14.99
N ALA D 40 6.14 -18.14 -13.70
CA ALA D 40 5.03 -18.10 -12.75
C ALA D 40 4.14 -16.90 -13.05
N PRO D 41 2.86 -16.95 -12.65
CA PRO D 41 1.97 -15.82 -12.91
C PRO D 41 2.49 -14.54 -12.26
N GLY D 42 2.70 -13.52 -13.08
CA GLY D 42 3.21 -12.26 -12.60
C GLY D 42 4.70 -12.21 -12.35
N LYS D 43 5.42 -13.31 -12.56
CA LYS D 43 6.84 -13.40 -12.26
C LYS D 43 7.66 -13.43 -13.55
N GLU D 44 8.93 -13.07 -13.42
CA GLU D 44 9.82 -13.13 -14.57
C GLU D 44 10.11 -14.57 -14.95
N LEU D 45 10.81 -14.74 -16.07
CA LEU D 45 11.19 -16.07 -16.52
C LEU D 45 12.12 -16.73 -15.51
N GLU D 46 12.02 -18.05 -15.41
CA GLU D 46 12.84 -18.82 -14.48
C GLU D 46 13.36 -20.07 -15.18
N TRP D 47 14.68 -20.23 -15.18
CA TRP D 47 15.29 -21.41 -15.79
C TRP D 47 15.09 -22.63 -14.91
N VAL D 48 14.75 -23.76 -15.55
CA VAL D 48 14.45 -25.00 -14.84
C VAL D 48 15.57 -26.02 -15.00
N ALA D 49 15.80 -26.48 -16.22
CA ALA D 49 16.79 -27.53 -16.46
C ALA D 49 17.24 -27.48 -17.91
N VAL D 50 18.39 -28.12 -18.16
CA VAL D 50 18.98 -28.20 -19.49
C VAL D 50 19.49 -29.61 -19.74
N ILE D 51 19.42 -30.04 -21.00
CA ILE D 51 19.89 -31.35 -21.40
C ILE D 51 20.71 -31.21 -22.67
N SER D 52 21.87 -31.86 -22.72
CA SER D 52 22.78 -31.73 -23.84
C SER D 52 22.24 -32.50 -25.05
N TYR D 53 22.96 -32.39 -26.17
CA TYR D 53 22.56 -33.10 -27.38
C TYR D 53 22.43 -34.61 -27.12
N ASP D 54 23.35 -35.16 -26.34
CA ASP D 54 23.34 -36.59 -26.06
C ASP D 54 22.48 -36.94 -24.86
N GLY D 55 22.23 -36.00 -23.96
CA GLY D 55 21.55 -36.29 -22.72
C GLY D 55 22.45 -36.79 -21.61
N SER D 56 23.77 -36.64 -21.75
CA SER D 56 24.69 -37.14 -20.74
C SER D 56 24.76 -36.20 -19.54
N ILE D 57 24.55 -34.90 -19.76
CA ILE D 57 24.66 -33.90 -18.70
C ILE D 57 23.27 -33.37 -18.40
N LYS D 58 22.93 -33.29 -17.11
CA LYS D 58 21.66 -32.76 -16.65
C LYS D 58 21.93 -31.76 -15.53
N TYR D 59 21.27 -30.61 -15.60
CA TYR D 59 21.43 -29.57 -14.60
C TYR D 59 20.06 -29.05 -14.16
N TYR D 60 20.00 -28.57 -12.92
CA TYR D 60 18.75 -28.09 -12.34
C TYR D 60 19.04 -26.81 -11.55
N ALA D 61 17.97 -26.06 -11.27
CA ALA D 61 18.06 -24.75 -10.65
C ALA D 61 18.02 -24.83 -9.12
N ASP D 62 18.30 -25.99 -8.54
CA ASP D 62 18.32 -26.16 -7.09
C ASP D 62 16.90 -26.12 -6.51
N SER D 63 16.08 -25.16 -6.94
CA SER D 63 14.72 -25.03 -6.43
C SER D 63 13.86 -26.16 -6.98
N VAL D 64 14.47 -27.07 -7.73
CA VAL D 64 13.77 -28.15 -8.42
C VAL D 64 14.50 -29.47 -8.23
N LYS D 65 15.76 -29.41 -7.76
CA LYS D 65 16.54 -30.64 -7.60
C LYS D 65 15.78 -31.65 -6.76
N GLY D 66 15.83 -32.92 -7.19
CA GLY D 66 15.17 -33.99 -6.50
C GLY D 66 13.72 -34.21 -6.88
N ARG D 67 13.10 -33.27 -7.58
CA ARG D 67 11.70 -33.39 -7.98
C ARG D 67 11.52 -33.64 -9.47
N PHE D 68 12.27 -32.95 -10.32
CA PHE D 68 12.09 -33.07 -11.76
C PHE D 68 13.18 -33.93 -12.39
N THR D 69 12.88 -34.44 -13.58
CA THR D 69 13.82 -35.24 -14.36
C THR D 69 13.60 -34.91 -15.83
N ILE D 70 14.61 -34.35 -16.47
CA ILE D 70 14.53 -33.96 -17.86
C ILE D 70 15.06 -35.10 -18.73
N SER D 71 14.35 -35.41 -19.81
CA SER D 71 14.73 -36.48 -20.73
C SER D 71 14.45 -36.02 -22.16
N ARG D 72 14.79 -36.89 -23.11
CA ARG D 72 14.62 -36.58 -24.53
C ARG D 72 14.58 -37.89 -25.32
N ASP D 73 13.88 -37.85 -26.46
CA ASP D 73 13.77 -39.01 -27.34
C ASP D 73 13.87 -38.52 -28.78
N ASN D 74 14.93 -38.90 -29.46
CA ASN D 74 15.14 -38.50 -30.85
C ASN D 74 14.42 -39.44 -31.80
N ASN D 77 12.46 -36.60 -31.84
CA ASN D 77 12.52 -35.15 -31.90
C ASN D 77 11.58 -34.52 -30.88
N THR D 78 11.43 -35.18 -29.74
CA THR D 78 10.52 -34.73 -28.69
C THR D 78 11.28 -34.59 -27.38
N LEU D 79 11.00 -33.49 -26.67
CA LEU D 79 11.59 -33.23 -25.36
C LEU D 79 10.57 -33.54 -24.27
N TYR D 80 11.05 -34.11 -23.17
CA TYR D 80 10.19 -34.50 -22.07
C TYR D 80 10.66 -33.87 -20.77
N LEU D 81 9.74 -33.75 -19.82
CA LEU D 81 10.03 -33.17 -18.52
C LEU D 81 9.10 -33.81 -17.49
N GLN D 82 9.66 -34.62 -16.60
CA GLN D 82 8.91 -35.35 -15.59
C GLN D 82 8.94 -34.58 -14.28
N MET D 83 7.77 -34.44 -13.65
CA MET D 83 7.63 -33.67 -12.43
C MET D 83 6.85 -34.49 -11.40
N ASN D 84 7.49 -34.79 -10.27
CA ASN D 84 6.85 -35.46 -9.16
C ASN D 84 6.97 -34.61 -7.90
N SER D 85 6.15 -34.93 -6.90
CA SER D 85 6.07 -34.16 -5.67
C SER D 85 5.93 -32.68 -5.97
N LEU D 86 5.04 -32.36 -6.91
CA LEU D 86 4.82 -30.98 -7.30
C LEU D 86 4.39 -30.15 -6.11
N ARG D 87 4.72 -28.86 -6.17
CA ARG D 87 4.40 -27.90 -5.13
C ARG D 87 3.57 -26.76 -5.72
N ALA D 88 2.84 -26.07 -4.85
CA ALA D 88 2.08 -24.91 -5.30
C ALA D 88 2.99 -23.88 -5.98
N GLU D 89 4.23 -23.76 -5.50
CA GLU D 89 5.16 -22.81 -6.11
C GLU D 89 5.50 -23.17 -7.55
N ASP D 90 5.35 -24.44 -7.93
CA ASP D 90 5.68 -24.87 -9.28
C ASP D 90 4.64 -24.47 -10.32
N THR D 91 3.55 -23.84 -9.91
CA THR D 91 2.54 -23.38 -10.86
C THR D 91 3.14 -22.33 -11.78
N ALA D 92 3.05 -22.55 -13.08
CA ALA D 92 3.62 -21.63 -14.05
C ALA D 92 3.37 -22.19 -15.45
N VAL D 93 3.59 -21.34 -16.44
CA VAL D 93 3.65 -21.78 -17.83
C VAL D 93 5.05 -22.32 -18.09
N TYR D 94 5.13 -23.56 -18.55
CA TYR D 94 6.42 -24.21 -18.83
C TYR D 94 6.73 -24.10 -20.30
N TYR D 95 7.82 -23.41 -20.63
CA TYR D 95 8.23 -23.17 -22.00
C TYR D 95 9.27 -24.18 -22.45
N CYS D 96 9.38 -24.34 -23.76
CA CYS D 96 10.33 -25.23 -24.39
C CYS D 96 11.29 -24.39 -25.23
N ALA D 97 12.58 -24.45 -24.90
CA ALA D 97 13.57 -23.55 -25.48
C ALA D 97 14.75 -24.33 -26.04
N ARG D 98 15.33 -23.79 -27.10
CA ARG D 98 16.50 -24.39 -27.73
C ARG D 98 17.79 -23.89 -27.09
N SER D 112 14.71 -19.84 -30.00
CA SER D 112 13.36 -20.17 -30.43
C SER D 112 12.60 -20.90 -29.31
N TRP D 113 11.44 -20.37 -28.95
CA TRP D 113 10.63 -20.92 -27.86
C TRP D 113 9.27 -21.35 -28.40
N GLY D 114 8.68 -22.36 -27.75
CA GLY D 114 7.30 -22.71 -27.99
C GLY D 114 6.36 -21.82 -27.20
N GLN D 115 5.07 -21.88 -27.56
CA GLN D 115 4.10 -21.04 -26.88
C GLN D 115 3.86 -21.47 -25.44
N GLY D 116 4.29 -22.68 -25.08
CA GLY D 116 4.26 -23.11 -23.69
C GLY D 116 2.97 -23.82 -23.31
N THR D 117 3.04 -24.55 -22.20
CA THR D 117 1.90 -25.23 -21.62
C THR D 117 1.82 -24.87 -20.14
N THR D 118 0.60 -24.77 -19.62
CA THR D 118 0.35 -24.23 -18.30
C THR D 118 0.16 -25.35 -17.28
N VAL D 119 0.87 -25.24 -16.16
CA VAL D 119 0.81 -26.22 -15.08
C VAL D 119 0.26 -25.52 -13.84
N THR D 120 -0.83 -26.06 -13.29
CA THR D 120 -1.48 -25.49 -12.12
C THR D 120 -1.48 -26.53 -11.01
N VAL D 121 -0.69 -26.30 -9.96
CA VAL D 121 -0.59 -27.19 -8.82
C VAL D 121 -1.50 -26.66 -7.72
N SER D 122 -2.53 -27.43 -7.37
CA SER D 122 -3.51 -26.96 -6.40
C SER D 122 -4.32 -28.13 -5.87
N SER D 123 -4.81 -27.97 -4.65
CA SER D 123 -5.73 -28.93 -4.03
C SER D 123 -7.19 -28.57 -4.26
N ALA D 124 -7.47 -27.39 -4.81
CA ALA D 124 -8.84 -26.97 -5.03
C ALA D 124 -9.52 -27.84 -6.08
N SER D 125 -10.74 -28.24 -5.81
CA SER D 125 -11.53 -28.99 -6.77
C SER D 125 -12.18 -28.04 -7.77
N THR D 126 -12.38 -28.53 -9.00
CA THR D 126 -13.09 -27.75 -10.00
C THR D 126 -14.39 -27.22 -9.43
N LYS D 127 -14.68 -25.95 -9.71
CA LYS D 127 -15.86 -25.31 -9.16
C LYS D 127 -16.23 -24.11 -10.02
N GLY D 128 -17.52 -24.02 -10.36
CA GLY D 128 -18.02 -22.87 -11.07
C GLY D 128 -18.12 -21.64 -10.18
N PRO D 129 -18.11 -20.46 -10.78
CA PRO D 129 -18.14 -19.24 -9.98
C PRO D 129 -19.55 -18.89 -9.51
N SER D 130 -19.60 -18.19 -8.38
CA SER D 130 -20.80 -17.46 -7.99
C SER D 130 -20.75 -16.10 -8.66
N VAL D 131 -21.87 -15.69 -9.25
CA VAL D 131 -21.96 -14.46 -10.02
C VAL D 131 -22.89 -13.50 -9.28
N PHE D 132 -22.33 -12.39 -8.80
CA PHE D 132 -23.11 -11.42 -8.06
C PHE D 132 -23.18 -10.09 -8.81
N PRO D 133 -24.25 -9.32 -8.62
CA PRO D 133 -24.37 -8.05 -9.34
C PRO D 133 -23.55 -6.95 -8.69
N LEU D 134 -23.10 -6.02 -9.53
CA LEU D 134 -22.45 -4.80 -9.08
C LEU D 134 -23.31 -3.62 -9.55
N ALA D 135 -24.03 -3.01 -8.62
CA ALA D 135 -24.96 -1.94 -8.93
C ALA D 135 -24.89 -0.87 -7.85
N PRO D 136 -25.06 0.39 -8.22
CA PRO D 136 -24.99 1.47 -7.22
C PRO D 136 -26.22 1.50 -6.33
N CYS D 137 -26.04 2.10 -5.16
CA CYS D 137 -27.15 2.19 -4.21
C CYS D 137 -28.33 2.96 -4.77
N SER D 138 -28.06 3.90 -5.68
CA SER D 138 -29.12 4.67 -6.33
C SER D 138 -28.54 5.32 -7.57
N ARG D 139 -29.44 5.80 -8.42
CA ARG D 139 -28.99 6.53 -9.61
C ARG D 139 -28.48 7.90 -9.20
N SER D 140 -27.34 8.29 -9.78
CA SER D 140 -26.74 9.57 -9.46
C SER D 140 -27.46 10.69 -10.17
N THR D 141 -27.84 11.73 -9.42
CA THR D 141 -28.38 12.95 -10.01
C THR D 141 -27.29 13.93 -10.42
N SER D 142 -26.02 13.60 -10.14
CA SER D 142 -24.90 14.48 -10.45
C SER D 142 -24.21 14.03 -11.73
N GLU D 143 -23.38 12.98 -11.64
CA GLU D 143 -22.64 12.52 -12.79
C GLU D 143 -23.56 11.91 -13.83
N SER D 144 -23.27 12.17 -15.10
CA SER D 144 -24.03 11.60 -16.20
C SER D 144 -23.62 10.16 -16.52
N THR D 145 -22.52 9.68 -15.95
CA THR D 145 -22.04 8.32 -16.19
C THR D 145 -22.23 7.49 -14.93
N ALA D 146 -22.58 6.22 -15.12
CA ALA D 146 -22.74 5.27 -14.04
C ALA D 146 -21.91 4.04 -14.36
N ALA D 147 -21.70 3.20 -13.34
CA ALA D 147 -20.92 1.97 -13.48
C ALA D 147 -21.76 0.77 -13.05
N LEU D 148 -21.62 -0.31 -13.80
CA LEU D 148 -22.29 -1.58 -13.50
C LEU D 148 -21.28 -2.71 -13.69
N GLY D 149 -21.62 -3.89 -13.20
CA GLY D 149 -20.72 -5.01 -13.36
C GLY D 149 -21.23 -6.26 -12.68
N CYS D 150 -20.42 -7.31 -12.80
CA CYS D 150 -20.67 -8.59 -12.14
C CYS D 150 -19.41 -9.04 -11.43
N LEU D 151 -19.59 -9.64 -10.25
CA LEU D 151 -18.50 -10.16 -9.45
C LEU D 151 -18.47 -11.68 -9.63
N VAL D 152 -17.43 -12.16 -10.31
CA VAL D 152 -17.27 -13.59 -10.57
C VAL D 152 -16.32 -14.13 -9.51
N LYS D 153 -16.88 -14.72 -8.46
CA LYS D 153 -16.12 -15.12 -7.29
C LYS D 153 -16.11 -16.64 -7.12
N ASP D 154 -15.04 -17.14 -6.51
CA ASP D 154 -14.92 -18.53 -6.07
C ASP D 154 -15.20 -19.51 -7.22
N TYR D 155 -14.28 -19.51 -8.18
CA TYR D 155 -14.28 -20.50 -9.25
C TYR D 155 -12.87 -21.04 -9.41
N PHE D 156 -12.78 -22.21 -10.03
CA PHE D 156 -11.50 -22.87 -10.26
C PHE D 156 -11.66 -24.00 -11.27
N PRO D 157 -10.70 -24.18 -12.19
CA PRO D 157 -9.57 -23.27 -12.36
C PRO D 157 -9.85 -22.18 -13.38
N GLU D 158 -8.81 -21.49 -13.82
CA GLU D 158 -8.95 -20.55 -14.93
C GLU D 158 -9.26 -21.31 -16.22
N PRO D 159 -9.85 -20.65 -17.21
CA PRO D 159 -10.25 -19.24 -17.15
C PRO D 159 -11.77 -19.07 -17.12
N VAL D 160 -12.22 -17.82 -17.20
CA VAL D 160 -13.62 -17.49 -17.41
C VAL D 160 -13.69 -16.36 -18.41
N THR D 161 -14.71 -16.39 -19.27
CA THR D 161 -14.97 -15.33 -20.22
C THR D 161 -16.27 -14.62 -19.84
N VAL D 162 -16.34 -13.34 -20.15
CA VAL D 162 -17.49 -12.51 -19.79
C VAL D 162 -17.86 -11.64 -20.97
N SER D 163 -19.15 -11.59 -21.29
CA SER D 163 -19.68 -10.63 -22.24
C SER D 163 -20.87 -9.93 -21.60
N TRP D 164 -21.33 -8.86 -22.25
CA TRP D 164 -22.46 -8.08 -21.76
C TRP D 164 -23.53 -8.06 -22.84
N ASN D 165 -24.75 -8.46 -22.47
CA ASN D 165 -25.86 -8.53 -23.41
C ASN D 165 -25.49 -9.35 -24.64
N SER D 166 -24.93 -10.54 -24.38
CA SER D 166 -24.62 -11.50 -25.43
C SER D 166 -23.70 -10.90 -26.50
N GLY D 167 -22.81 -10.00 -26.09
CA GLY D 167 -21.87 -9.39 -27.00
C GLY D 167 -22.35 -8.09 -27.63
N ALA D 168 -23.64 -7.76 -27.50
CA ALA D 168 -24.14 -6.52 -28.06
C ALA D 168 -23.50 -5.29 -27.41
N LEU D 169 -22.98 -5.44 -26.19
CA LEU D 169 -22.38 -4.34 -25.44
C LEU D 169 -20.90 -4.66 -25.22
N THR D 170 -20.02 -3.85 -25.83
CA THR D 170 -18.58 -4.05 -25.68
C THR D 170 -17.87 -2.74 -25.33
N SER D 171 -18.48 -1.62 -25.70
CA SER D 171 -17.86 -0.31 -25.47
C SER D 171 -17.86 0.00 -23.99
N GLY D 172 -16.69 0.35 -23.46
CA GLY D 172 -16.57 0.70 -22.05
C GLY D 172 -16.51 -0.46 -21.10
N VAL D 173 -16.37 -1.69 -21.60
CA VAL D 173 -16.30 -2.87 -20.75
C VAL D 173 -14.87 -3.09 -20.29
N HIS D 174 -14.71 -3.39 -19.01
CA HIS D 174 -13.44 -3.82 -18.44
C HIS D 174 -13.68 -5.10 -17.65
N THR D 175 -13.08 -6.20 -18.09
CA THR D 175 -13.08 -7.45 -17.35
C THR D 175 -11.69 -7.63 -16.75
N PHE D 176 -11.59 -7.45 -15.44
CA PHE D 176 -10.28 -7.40 -14.80
C PHE D 176 -9.62 -8.77 -14.77
N PRO D 177 -8.29 -8.82 -14.80
CA PRO D 177 -7.60 -10.09 -14.58
C PRO D 177 -8.00 -10.68 -13.24
N ALA D 178 -8.16 -12.00 -13.21
CA ALA D 178 -8.56 -12.67 -11.99
C ALA D 178 -7.46 -12.58 -10.94
N VAL D 179 -7.88 -12.63 -9.67
CA VAL D 179 -6.93 -12.72 -8.57
C VAL D 179 -7.15 -14.04 -7.86
N LEU D 180 -6.08 -14.58 -7.30
CA LEU D 180 -6.13 -15.83 -6.55
C LEU D 180 -6.33 -15.49 -5.07
N GLN D 181 -7.37 -16.06 -4.47
CA GLN D 181 -7.73 -15.76 -3.09
C GLN D 181 -7.01 -16.69 -2.12
N SER D 182 -7.12 -16.37 -0.82
CA SER D 182 -6.54 -17.21 0.20
C SER D 182 -7.03 -18.65 0.09
N SER D 183 -8.31 -18.82 -0.25
CA SER D 183 -8.90 -20.15 -0.33
C SER D 183 -8.28 -21.00 -1.42
N GLY D 184 -7.60 -20.39 -2.39
CA GLY D 184 -7.15 -21.10 -3.57
C GLY D 184 -8.11 -21.06 -4.74
N LEU D 185 -9.20 -20.33 -4.63
CA LEU D 185 -10.14 -20.11 -5.71
C LEU D 185 -9.89 -18.75 -6.35
N TYR D 186 -10.29 -18.63 -7.61
CA TYR D 186 -10.08 -17.39 -8.36
C TYR D 186 -11.30 -16.49 -8.28
N SER D 187 -11.07 -15.19 -8.42
CA SER D 187 -12.13 -14.20 -8.38
C SER D 187 -11.75 -13.05 -9.30
N LEU D 188 -12.74 -12.57 -10.06
CA LEU D 188 -12.54 -11.38 -10.89
C LEU D 188 -13.86 -10.62 -10.96
N SER D 189 -13.80 -9.43 -11.53
CA SER D 189 -14.99 -8.64 -11.79
C SER D 189 -14.94 -8.10 -13.21
N SER D 190 -16.12 -7.95 -13.81
CA SER D 190 -16.29 -7.28 -15.08
C SER D 190 -17.24 -6.12 -14.90
N VAL D 191 -16.91 -4.98 -15.50
CA VAL D 191 -17.67 -3.75 -15.32
C VAL D 191 -17.88 -3.07 -16.66
N VAL D 192 -18.81 -2.12 -16.69
CA VAL D 192 -19.09 -1.32 -17.86
C VAL D 192 -19.70 0.00 -17.41
N THR D 193 -19.25 1.10 -18.00
CA THR D 193 -19.86 2.40 -17.75
C THR D 193 -21.03 2.61 -18.71
N VAL D 194 -22.11 3.19 -18.20
CA VAL D 194 -23.30 3.46 -19.00
C VAL D 194 -23.86 4.81 -18.59
N PRO D 195 -24.67 5.41 -19.45
CA PRO D 195 -25.31 6.68 -19.09
C PRO D 195 -26.22 6.51 -17.89
N SER D 196 -26.07 7.41 -16.92
CA SER D 196 -26.90 7.35 -15.72
C SER D 196 -28.39 7.36 -16.06
N SER D 197 -28.75 7.97 -17.20
CA SER D 197 -30.15 8.01 -17.60
C SER D 197 -30.66 6.64 -18.05
N SER D 198 -29.75 5.71 -18.37
CA SER D 198 -30.17 4.37 -18.77
C SER D 198 -30.47 3.48 -17.57
N LEU D 199 -29.81 3.70 -16.45
CA LEU D 199 -30.05 2.91 -15.24
C LEU D 199 -31.53 2.85 -14.90
N GLY D 200 -32.01 1.64 -14.61
CA GLY D 200 -33.39 1.43 -14.23
C GLY D 200 -34.33 1.18 -15.39
N THR D 201 -33.94 1.52 -16.61
CA THR D 201 -34.78 1.31 -17.78
C THR D 201 -34.18 0.31 -18.76
N LYS D 202 -32.90 0.44 -19.08
CA LYS D 202 -32.26 -0.48 -20.00
C LYS D 202 -31.76 -1.71 -19.25
N THR D 203 -31.80 -2.86 -19.93
CA THR D 203 -31.39 -4.12 -19.35
C THR D 203 -29.90 -4.33 -19.57
N TYR D 204 -29.18 -4.68 -18.51
CA TYR D 204 -27.76 -4.99 -18.59
C TYR D 204 -27.52 -6.34 -17.94
N THR D 205 -27.03 -7.29 -18.72
CA THR D 205 -26.86 -8.67 -18.27
C THR D 205 -25.46 -9.15 -18.62
N CYS D 206 -24.76 -9.69 -17.63
CA CYS D 206 -23.44 -10.26 -17.87
C CYS D 206 -23.57 -11.76 -18.14
N ASN D 207 -22.78 -12.24 -19.09
CA ASN D 207 -22.77 -13.65 -19.47
C ASN D 207 -21.42 -14.22 -19.06
N VAL D 208 -21.43 -15.07 -18.04
CA VAL D 208 -20.20 -15.65 -17.49
C VAL D 208 -20.11 -17.10 -17.96
N ASP D 209 -18.95 -17.47 -18.49
CA ASP D 209 -18.69 -18.80 -19.01
C ASP D 209 -17.46 -19.39 -18.33
N HIS D 210 -17.61 -20.60 -17.80
CA HIS D 210 -16.52 -21.30 -17.10
C HIS D 210 -16.53 -22.75 -17.60
N LYS D 211 -15.78 -23.00 -18.67
CA LYS D 211 -15.85 -24.32 -19.29
C LYS D 211 -15.32 -25.44 -18.40
N PRO D 212 -14.26 -25.26 -17.61
CA PRO D 212 -13.77 -26.39 -16.80
C PRO D 212 -14.84 -27.07 -15.97
N SER D 213 -15.81 -26.31 -15.45
CA SER D 213 -16.96 -26.87 -14.74
C SER D 213 -18.22 -26.85 -15.60
N ASN D 214 -18.11 -26.46 -16.86
CA ASN D 214 -19.25 -26.41 -17.77
C ASN D 214 -20.37 -25.58 -17.19
N THR D 215 -20.01 -24.42 -16.63
CA THR D 215 -20.95 -23.51 -16.01
C THR D 215 -21.22 -22.34 -16.94
N LYS D 216 -22.49 -22.00 -17.12
CA LYS D 216 -22.90 -20.82 -17.86
C LYS D 216 -23.97 -20.11 -17.06
N VAL D 217 -23.76 -18.81 -16.81
CA VAL D 217 -24.64 -18.04 -15.94
C VAL D 217 -24.91 -16.68 -16.58
N ASP D 218 -26.16 -16.26 -16.58
CA ASP D 218 -26.59 -14.92 -16.99
C ASP D 218 -27.14 -14.21 -15.76
N LYS D 219 -26.60 -13.02 -15.48
CA LYS D 219 -27.04 -12.21 -14.35
C LYS D 219 -27.50 -10.85 -14.85
N ARG D 220 -28.68 -10.42 -14.40
CA ARG D 220 -29.15 -9.07 -14.68
C ARG D 220 -28.79 -8.18 -13.49
N VAL D 221 -28.16 -7.06 -13.77
CA VAL D 221 -27.66 -6.17 -12.73
C VAL D 221 -28.77 -5.23 -12.31
N HIS D 222 -29.10 -5.24 -11.02
CA HIS D 222 -30.13 -4.37 -10.47
C HIS D 222 -29.83 -4.21 -8.98
N HIS D 223 -30.56 -3.29 -8.34
CA HIS D 223 -30.41 -3.02 -6.92
C HIS D 223 -31.74 -3.26 -6.22
N HIS D 224 -31.70 -3.98 -5.11
CA HIS D 224 -32.89 -4.21 -4.29
C HIS D 224 -32.68 -3.67 -2.88
C1 PEG E . 11.78 1.91 12.21
O1 PEG E . 11.12 2.08 10.97
C2 PEG E . 13.25 1.47 11.99
O2 PEG E . 14.09 2.63 11.76
C3 PEG E . 13.82 3.34 10.55
C4 PEG E . 12.88 4.50 10.84
O4 PEG E . 13.38 5.69 10.28
H11 PEG E . 11.75 2.75 12.71
H12 PEG E . 11.32 1.22 12.72
HO1 PEG E . 10.81 1.30 10.68
H21 PEG E . 13.30 0.89 11.22
H22 PEG E . 13.57 1.00 12.79
H31 PEG E . 14.66 3.69 10.18
H32 PEG E . 13.41 2.74 9.90
H41 PEG E . 12.00 4.31 10.45
H42 PEG E . 12.79 4.62 11.81
HO4 PEG E . 13.94 6.07 10.85
NA NA F . 10.94 4.91 12.69
#